data_3A3D
#
_entry.id   3A3D
#
_cell.length_a   64.548
_cell.length_b   92.590
_cell.length_c   104.882
_cell.angle_alpha   90.00
_cell.angle_beta   107.75
_cell.angle_gamma   90.00
#
_symmetry.space_group_name_H-M   'P 1 21 1'
#
loop_
_entity.id
_entity.type
_entity.pdbx_description
1 polymer 'Penicillin-binding protein 4'
2 non-polymer GLYCEROL
3 water water
#
_entity_poly.entity_id   1
_entity_poly.type   'polypeptide(L)'
_entity_poly.pdbx_seq_one_letter_code
;MINVSDLTQKLPEGSNAGVIAKNINQNQIIADYNGSTFMLPASTQKVFTAVAAKLALGDQFQFETALLSNGKIQNGNLDG
NLIVSFTGDPDLTRGQLYSLLAELKKQGIKKINGDLVLDTSVFSSHDRGLGWIWNDLTMCFNSPPAAANIDNNCFYAELD
ANKNPGEIVKINVPAQFPIQVFGQVYVADSNEAPYCQLDVVVHDNNRYQVKGCLARQYKPFGLSFAVQNTDAYAAAIIQR
QLRKLGIEFNGKVLLPQKPQQGQLLAKHLSKPLPDLLKKMMKKSDNQIADSLFRAVAFNYYKRPASFQLGTLAVKSILQK
QGIRFGNSILADGSGLSRHNLVAPKTMLSVLEYIAKNEDKLHLMETFPIAGVDGTISGRGGLISPPLVKNVIAKTGSLKG
VYNLAGFMTNARGEKVAFVQFINGYSTGDLESKTKRAPLVQFERNLYNELYKY
;
_entity_poly.pdbx_strand_id   A,B
#
# COMPACT_ATOMS: atom_id res chain seq x y z
N MET A 1 14.28 8.85 -35.57
CA MET A 1 13.77 7.83 -34.57
C MET A 1 12.30 7.48 -34.72
N ILE A 2 11.84 6.39 -34.11
CA ILE A 2 10.44 5.96 -34.20
C ILE A 2 9.55 7.03 -33.57
N ASN A 3 8.42 7.30 -34.22
CA ASN A 3 7.44 8.25 -33.64
C ASN A 3 6.56 7.52 -32.71
N VAL A 4 7.10 7.33 -31.46
CA VAL A 4 6.32 6.67 -30.44
C VAL A 4 5.09 7.47 -29.97
N SER A 5 5.20 8.79 -30.02
CA SER A 5 4.08 9.61 -29.65
C SER A 5 2.80 9.21 -30.44
N ASP A 6 2.96 9.06 -31.74
CA ASP A 6 1.75 8.64 -32.51
C ASP A 6 1.24 7.20 -32.11
N LEU A 7 2.20 6.27 -31.87
CA LEU A 7 1.81 4.96 -31.46
C LEU A 7 0.98 5.01 -30.22
N THR A 8 1.34 5.90 -29.32
CA THR A 8 0.55 5.95 -28.06
C THR A 8 -0.92 6.43 -28.24
N GLN A 9 -1.30 6.99 -29.40
CA GLN A 9 -2.69 7.29 -29.63
C GLN A 9 -3.60 6.08 -29.52
N LYS A 10 -3.04 4.86 -29.72
CA LYS A 10 -3.80 3.64 -29.56
C LYS A 10 -4.01 3.17 -28.08
N LEU A 11 -3.23 3.73 -27.18
CA LEU A 11 -3.35 3.39 -25.75
C LEU A 11 -4.53 4.20 -25.17
N PRO A 12 -5.07 3.72 -24.03
CA PRO A 12 -6.23 4.41 -23.49
C PRO A 12 -5.90 5.83 -23.19
N GLU A 13 -6.92 6.67 -23.28
CA GLU A 13 -6.64 8.05 -22.87
C GLU A 13 -6.19 8.13 -21.39
N GLY A 14 -5.25 9.02 -21.16
CA GLY A 14 -4.71 9.23 -19.83
C GLY A 14 -3.48 8.43 -19.53
N SER A 15 -3.28 7.40 -20.32
CA SER A 15 -2.02 6.60 -20.08
C SER A 15 -0.72 7.37 -20.37
N ASN A 16 0.39 6.91 -19.79
CA ASN A 16 1.64 7.51 -20.11
C ASN A 16 2.62 6.44 -20.47
N ALA A 17 3.43 6.69 -21.48
CA ALA A 17 4.37 5.60 -21.85
C ALA A 17 5.78 6.15 -21.83
N GLY A 18 6.77 5.29 -21.50
CA GLY A 18 8.20 5.64 -21.55
C GLY A 18 8.85 4.53 -22.38
N VAL A 19 9.39 4.86 -23.55
CA VAL A 19 9.86 3.76 -24.42
C VAL A 19 11.27 4.12 -24.89
N ILE A 20 12.28 3.25 -24.78
CA ILE A 20 13.61 3.58 -25.34
C ILE A 20 14.11 2.28 -25.95
N ALA A 21 14.79 2.37 -27.07
CA ALA A 21 15.38 1.16 -27.64
C ALA A 21 16.67 1.44 -28.33
N LYS A 22 17.58 0.44 -28.27
CA LYS A 22 18.94 0.64 -28.88
C LYS A 22 19.15 -0.52 -29.84
N ASN A 23 19.69 -0.19 -31.04
CA ASN A 23 20.17 -1.22 -31.97
C ASN A 23 21.62 -1.43 -31.46
N ILE A 24 21.87 -2.59 -30.91
CA ILE A 24 23.16 -2.85 -30.24
C ILE A 24 24.27 -2.92 -31.31
N ASN A 25 23.96 -3.59 -32.41
CA ASN A 25 24.97 -3.74 -33.51
C ASN A 25 25.46 -2.35 -33.97
N GLN A 26 24.54 -1.42 -34.15
CA GLN A 26 24.86 -0.07 -34.62
C GLN A 26 25.29 0.91 -33.57
N ASN A 27 25.02 0.55 -32.29
CA ASN A 27 25.09 1.42 -31.14
C ASN A 27 24.29 2.70 -31.41
N GLN A 28 23.01 2.51 -31.83
CA GLN A 28 22.16 3.67 -32.14
C GLN A 28 20.86 3.57 -31.31
N ILE A 29 20.50 4.67 -30.66
CA ILE A 29 19.16 4.73 -30.04
C ILE A 29 18.16 5.01 -31.15
N ILE A 30 17.17 4.17 -31.29
CA ILE A 30 16.18 4.26 -32.39
C ILE A 30 14.79 4.64 -31.96
N ALA A 31 14.56 4.67 -30.63
CA ALA A 31 13.29 5.16 -30.00
C ALA A 31 13.64 5.81 -28.68
N ASP A 32 13.05 7.00 -28.37
CA ASP A 32 13.49 7.58 -27.06
C ASP A 32 12.34 8.54 -26.77
N TYR A 33 11.35 8.06 -26.07
CA TYR A 33 10.12 8.81 -25.81
C TYR A 33 9.91 8.74 -24.29
N ASN A 34 10.03 9.91 -23.61
CA ASN A 34 10.02 9.89 -22.09
C ASN A 34 11.07 8.90 -21.51
N GLY A 35 12.22 8.84 -22.16
CA GLY A 35 13.21 7.81 -21.78
C GLY A 35 13.84 8.16 -20.43
N SER A 36 13.77 9.46 -20.03
CA SER A 36 14.32 9.83 -18.68
C SER A 36 13.29 9.98 -17.59
N THR A 37 12.03 9.69 -17.86
CA THR A 37 10.97 9.94 -16.91
C THR A 37 10.93 8.77 -15.92
N PHE A 38 10.98 9.06 -14.65
CA PHE A 38 10.80 7.90 -13.63
C PHE A 38 9.45 7.33 -13.69
N MET A 39 9.34 5.99 -13.82
CA MET A 39 8.03 5.35 -13.86
C MET A 39 8.06 4.13 -12.97
N LEU A 40 6.90 3.48 -12.84
CA LEU A 40 6.85 2.23 -11.99
C LEU A 40 7.31 1.09 -12.92
N PRO A 41 8.32 0.35 -12.52
CA PRO A 41 8.85 -0.76 -13.39
C PRO A 41 8.10 -2.06 -13.21
N ALA A 42 7.41 -2.23 -12.11
CA ALA A 42 6.72 -3.48 -11.79
C ALA A 42 7.78 -4.59 -11.92
N SER A 43 7.37 -5.77 -12.39
CA SER A 43 8.29 -6.92 -12.35
C SER A 43 9.51 -6.79 -13.30
N THR A 44 9.56 -5.77 -14.20
CA THR A 44 10.88 -5.58 -14.91
C THR A 44 12.00 -5.27 -13.92
N GLN A 45 11.64 -4.80 -12.69
CA GLN A 45 12.66 -4.60 -11.63
C GLN A 45 13.49 -5.91 -11.38
N LYS A 46 12.85 -7.05 -11.62
CA LYS A 46 13.52 -8.34 -11.33
C LYS A 46 14.78 -8.47 -12.21
N VAL A 47 14.84 -7.76 -13.34
CA VAL A 47 16.04 -7.78 -14.13
C VAL A 47 17.29 -7.30 -13.30
N PHE A 48 17.10 -6.24 -12.49
CA PHE A 48 18.21 -5.80 -11.67
C PHE A 48 18.63 -6.84 -10.64
N THR A 49 17.66 -7.54 -10.05
CA THR A 49 17.92 -8.54 -9.05
C THR A 49 18.68 -9.70 -9.72
N ALA A 50 18.25 -10.04 -10.96
CA ALA A 50 18.91 -11.21 -11.64
C ALA A 50 20.42 -10.93 -11.83
N VAL A 51 20.76 -9.69 -12.25
CA VAL A 51 22.18 -9.39 -12.52
C VAL A 51 22.92 -9.33 -11.20
N ALA A 52 22.32 -8.69 -10.16
CA ALA A 52 23.02 -8.58 -8.88
C ALA A 52 23.29 -9.98 -8.28
N ALA A 53 22.28 -10.87 -8.41
CA ALA A 53 22.42 -12.23 -7.86
C ALA A 53 23.52 -13.01 -8.63
N LYS A 54 23.53 -12.93 -9.94
CA LYS A 54 24.64 -13.56 -10.69
C LYS A 54 26.01 -13.09 -10.22
N LEU A 55 26.17 -11.78 -10.07
CA LEU A 55 27.44 -11.22 -9.68
C LEU A 55 27.84 -11.52 -8.27
N ALA A 56 26.92 -11.43 -7.31
CA ALA A 56 27.30 -11.55 -5.90
C ALA A 56 27.14 -12.93 -5.33
N LEU A 57 26.17 -13.70 -5.85
CA LEU A 57 25.96 -15.06 -5.29
C LEU A 57 26.57 -16.11 -6.23
N GLY A 58 26.43 -16.00 -7.54
CA GLY A 58 27.08 -16.87 -8.53
C GLY A 58 26.27 -18.15 -8.74
N ASP A 59 26.65 -18.89 -9.75
CA ASP A 59 25.82 -19.99 -10.22
C ASP A 59 25.80 -21.16 -9.28
N GLN A 60 26.72 -21.26 -8.31
CA GLN A 60 26.65 -22.36 -7.36
C GLN A 60 25.79 -22.10 -6.14
N PHE A 61 25.21 -20.90 -6.07
CA PHE A 61 24.52 -20.56 -4.87
C PHE A 61 23.29 -21.44 -4.72
N GLN A 62 23.10 -21.90 -3.47
CA GLN A 62 21.88 -22.61 -3.14
C GLN A 62 21.38 -22.10 -1.79
N PHE A 63 20.06 -22.01 -1.58
CA PHE A 63 19.60 -21.71 -0.24
C PHE A 63 19.61 -22.94 0.62
N GLU A 64 19.96 -22.73 1.88
CA GLU A 64 20.16 -23.84 2.87
C GLU A 64 19.06 -23.81 3.91
N THR A 65 18.46 -24.99 4.19
CA THR A 65 17.49 -25.13 5.27
C THR A 65 18.12 -26.27 6.12
N ALA A 66 18.33 -26.05 7.39
CA ALA A 66 19.19 -27.03 8.15
C ALA A 66 18.62 -27.40 9.46
N LEU A 67 19.08 -28.55 10.00
CA LEU A 67 18.67 -29.03 11.34
C LEU A 67 19.98 -29.09 12.13
N LEU A 68 19.94 -28.51 13.30
CA LEU A 68 21.13 -28.42 14.21
C LEU A 68 20.67 -28.70 15.60
N SER A 69 21.65 -29.09 16.47
CA SER A 69 21.33 -29.30 17.88
C SER A 69 22.57 -29.01 18.71
N ASN A 70 22.39 -28.68 19.98
CA ASN A 70 23.54 -28.87 20.92
C ASN A 70 23.58 -30.10 21.74
N GLY A 71 22.54 -30.90 21.67
CA GLY A 71 22.58 -32.10 22.49
C GLY A 71 23.23 -33.29 21.81
N LYS A 72 23.56 -34.28 22.62
CA LYS A 72 24.04 -35.55 22.11
C LYS A 72 22.84 -36.40 21.69
N ILE A 73 22.98 -37.14 20.61
CA ILE A 73 22.03 -38.20 20.42
C ILE A 73 22.39 -39.37 21.35
N GLN A 74 21.57 -39.67 22.35
CA GLN A 74 21.77 -40.92 23.11
C GLN A 74 20.50 -41.71 23.32
N ASN A 75 20.59 -43.02 23.12
CA ASN A 75 19.49 -43.92 23.45
C ASN A 75 18.23 -43.60 22.68
N GLY A 76 18.42 -43.18 21.43
CA GLY A 76 17.31 -42.82 20.54
C GLY A 76 16.74 -41.44 20.82
N ASN A 77 17.36 -40.71 21.72
CA ASN A 77 16.89 -39.38 22.09
C ASN A 77 17.87 -38.30 21.73
N LEU A 78 17.32 -37.21 21.17
CA LEU A 78 18.11 -36.02 21.01
C LEU A 78 18.03 -35.24 22.33
N ASP A 79 19.15 -35.19 23.05
CA ASP A 79 19.08 -34.68 24.38
C ASP A 79 19.45 -33.18 24.37
N GLY A 80 18.62 -32.41 23.66
CA GLY A 80 18.82 -30.98 23.52
C GLY A 80 17.66 -30.46 22.64
N ASN A 81 17.81 -29.23 22.18
CA ASN A 81 16.79 -28.61 21.31
C ASN A 81 16.95 -29.04 19.92
N LEU A 82 15.86 -28.98 19.12
CA LEU A 82 16.05 -29.14 17.65
C LEU A 82 16.03 -27.74 17.11
N ILE A 83 17.09 -27.33 16.41
CA ILE A 83 17.15 -25.98 15.79
C ILE A 83 16.85 -26.21 14.32
N VAL A 84 15.89 -25.43 13.77
CA VAL A 84 15.68 -25.52 12.29
C VAL A 84 16.03 -24.15 11.77
N SER A 85 17.00 -24.10 10.87
CA SER A 85 17.47 -22.84 10.31
C SER A 85 16.88 -22.61 8.95
N PHE A 86 16.16 -21.48 8.75
CA PHE A 86 15.54 -21.11 7.45
C PHE A 86 16.27 -19.91 6.95
N THR A 87 16.55 -19.89 5.65
CA THR A 87 17.36 -18.78 5.09
C THR A 87 16.72 -18.12 3.85
N GLY A 88 15.43 -18.28 3.71
CA GLY A 88 14.69 -17.53 2.63
C GLY A 88 14.41 -18.40 1.47
N ASP A 89 14.69 -19.72 1.51
CA ASP A 89 14.53 -20.52 0.30
C ASP A 89 13.06 -20.25 -0.24
N PRO A 90 12.91 -19.78 -1.46
CA PRO A 90 11.56 -19.53 -1.97
C PRO A 90 10.96 -20.64 -2.69
N ASP A 91 11.59 -21.82 -2.66
CA ASP A 91 11.13 -22.96 -3.45
C ASP A 91 11.17 -24.18 -2.57
N LEU A 92 10.92 -24.04 -1.25
CA LEU A 92 10.93 -25.15 -0.28
C LEU A 92 9.51 -25.66 -0.12
N THR A 93 9.36 -26.97 -0.40
CA THR A 93 7.99 -27.54 -0.30
C THR A 93 7.81 -28.22 1.06
N ARG A 94 6.54 -28.55 1.40
CA ARG A 94 6.29 -29.21 2.62
C ARG A 94 6.94 -30.60 2.55
N GLY A 95 6.93 -31.22 1.36
CA GLY A 95 7.52 -32.58 1.22
C GLY A 95 9.01 -32.59 1.40
N GLN A 96 9.69 -31.51 0.89
CA GLN A 96 11.09 -31.35 1.15
C GLN A 96 11.42 -31.21 2.63
N LEU A 97 10.59 -30.38 3.35
CA LEU A 97 10.85 -30.22 4.77
C LEU A 97 10.62 -31.56 5.51
N TYR A 98 9.63 -32.32 5.07
CA TYR A 98 9.31 -33.59 5.75
C TYR A 98 10.53 -34.53 5.53
N SER A 99 11.06 -34.53 4.31
CA SER A 99 12.22 -35.44 4.03
C SER A 99 13.46 -35.05 4.80
N LEU A 100 13.67 -33.74 4.98
CA LEU A 100 14.74 -33.23 5.79
C LEU A 100 14.56 -33.70 7.29
N LEU A 101 13.36 -33.57 7.85
CA LEU A 101 13.15 -33.96 9.24
C LEU A 101 13.26 -35.51 9.33
N ALA A 102 12.89 -36.17 8.28
CA ALA A 102 13.05 -37.69 8.31
C ALA A 102 14.49 -38.09 8.54
N GLU A 103 15.45 -37.24 8.17
CA GLU A 103 16.83 -37.57 8.42
C GLU A 103 17.13 -37.75 9.90
N LEU A 104 16.39 -37.12 10.79
CA LEU A 104 16.63 -37.33 12.20
C LEU A 104 16.32 -38.82 12.55
N LYS A 105 15.27 -39.38 11.98
CA LYS A 105 14.93 -40.82 12.19
C LYS A 105 16.04 -41.72 11.65
N LYS A 106 16.68 -41.39 10.50
CA LYS A 106 17.82 -42.18 10.03
C LYS A 106 18.98 -42.13 11.03
N GLN A 107 19.17 -41.02 11.66
CA GLN A 107 20.23 -40.93 12.64
C GLN A 107 19.72 -41.57 13.96
N GLY A 108 18.59 -42.25 13.93
CA GLY A 108 18.09 -42.93 15.14
C GLY A 108 17.42 -42.13 16.24
N ILE A 109 17.04 -40.87 15.97
CA ILE A 109 16.25 -40.09 16.93
C ILE A 109 14.78 -40.47 16.93
N LYS A 110 14.23 -40.85 18.09
CA LYS A 110 12.80 -41.14 18.14
C LYS A 110 12.15 -40.22 19.18
N LYS A 111 12.96 -39.39 19.82
CA LYS A 111 12.41 -38.41 20.75
C LYS A 111 13.29 -37.22 20.86
N ILE A 112 12.73 -36.02 20.98
CA ILE A 112 13.54 -34.81 21.20
C ILE A 112 13.18 -34.37 22.62
N ASN A 113 14.19 -34.28 23.48
CA ASN A 113 13.96 -33.95 24.90
C ASN A 113 13.70 -32.46 25.15
N GLY A 114 14.17 -31.60 24.24
CA GLY A 114 14.01 -30.16 24.50
C GLY A 114 12.99 -29.45 23.64
N ASP A 115 13.39 -28.24 23.24
CA ASP A 115 12.42 -27.28 22.67
C ASP A 115 12.74 -27.24 21.16
N LEU A 116 11.83 -26.70 20.39
CA LEU A 116 12.00 -26.47 18.92
C LEU A 116 12.37 -25.01 18.76
N VAL A 117 13.51 -24.71 18.15
CA VAL A 117 13.99 -23.38 18.08
C VAL A 117 14.16 -23.04 16.63
N LEU A 118 13.53 -21.95 16.15
CA LEU A 118 13.78 -21.56 14.73
C LEU A 118 14.86 -20.49 14.69
N ASP A 119 15.75 -20.57 13.69
CA ASP A 119 16.73 -19.51 13.39
C ASP A 119 16.34 -18.95 12.03
N THR A 120 15.80 -17.73 12.08
CA THR A 120 15.51 -16.96 10.86
C THR A 120 16.36 -15.69 10.78
N SER A 121 17.50 -15.71 11.44
CA SER A 121 18.33 -14.55 11.61
C SER A 121 18.97 -13.90 10.43
N VAL A 122 19.06 -14.61 9.31
CA VAL A 122 19.68 -14.05 8.12
C VAL A 122 18.86 -12.87 7.54
N PHE A 123 17.57 -12.80 7.83
CA PHE A 123 16.74 -11.65 7.39
C PHE A 123 16.33 -10.80 8.59
N SER A 124 16.26 -9.49 8.40
CA SER A 124 15.93 -8.61 9.53
C SER A 124 14.92 -7.57 9.08
N SER A 125 14.29 -6.95 10.08
CA SER A 125 13.24 -5.93 9.82
C SER A 125 12.04 -6.63 9.12
N HIS A 126 11.25 -5.83 8.39
CA HIS A 126 10.03 -6.39 7.86
C HIS A 126 10.25 -7.40 6.72
N ASP A 127 9.29 -8.33 6.55
CA ASP A 127 9.45 -9.20 5.39
C ASP A 127 8.62 -8.67 4.23
N ARG A 128 8.20 -7.41 4.25
CA ARG A 128 7.46 -6.76 3.14
C ARG A 128 8.25 -5.53 2.78
N GLY A 129 8.28 -5.18 1.49
CA GLY A 129 8.85 -3.92 1.05
C GLY A 129 7.96 -2.72 1.49
N LEU A 130 8.62 -1.60 1.76
CA LEU A 130 7.85 -0.41 2.02
C LEU A 130 7.22 0.06 0.68
N GLY A 131 6.00 0.62 0.82
CA GLY A 131 5.28 1.02 -0.39
C GLY A 131 4.44 -0.10 -1.04
N TRP A 132 4.44 -1.33 -0.47
CA TRP A 132 3.51 -2.32 -0.95
C TRP A 132 2.07 -1.92 -0.53
N ILE A 133 1.10 -2.25 -1.36
CA ILE A 133 -0.31 -1.90 -1.03
C ILE A 133 -0.93 -2.86 0.01
N TRP A 134 -1.67 -2.37 0.98
CA TRP A 134 -2.02 -3.21 2.08
C TRP A 134 -3.00 -4.32 1.69
N ASN A 135 -3.94 -4.02 0.75
CA ASN A 135 -5.10 -4.87 0.64
C ASN A 135 -4.63 -6.10 -0.19
N ASP A 136 -3.47 -6.06 -0.84
CA ASP A 136 -2.99 -7.24 -1.59
C ASP A 136 -2.19 -8.21 -0.73
N LEU A 137 -1.92 -7.84 0.53
CA LEU A 137 -1.02 -8.68 1.36
C LEU A 137 -1.62 -10.01 1.74
N THR A 138 -2.91 -10.20 1.53
CA THR A 138 -3.49 -11.51 1.77
C THR A 138 -3.48 -12.44 0.56
N MET A 139 -3.09 -11.92 -0.59
CA MET A 139 -3.11 -12.66 -1.83
C MET A 139 -1.82 -13.47 -1.98
N CYS A 140 -1.96 -14.66 -2.52
CA CYS A 140 -0.78 -15.52 -2.66
C CYS A 140 0.35 -14.90 -3.43
N PHE A 141 0.00 -14.17 -4.50
CA PHE A 141 1.07 -13.61 -5.34
C PHE A 141 1.94 -12.72 -4.54
N ASN A 142 1.43 -12.09 -3.43
CA ASN A 142 2.10 -11.14 -2.62
C ASN A 142 2.47 -11.82 -1.25
N SER A 143 2.67 -13.13 -1.21
CA SER A 143 3.04 -13.76 0.07
C SER A 143 4.42 -13.27 0.52
N PRO A 144 4.67 -13.32 1.82
CA PRO A 144 5.89 -12.63 2.31
C PRO A 144 7.13 -13.46 1.99
N PRO A 145 8.15 -12.81 1.43
CA PRO A 145 9.47 -13.47 1.08
C PRO A 145 10.30 -13.56 2.34
N ALA A 146 9.76 -14.31 3.29
CA ALA A 146 10.38 -14.38 4.61
C ALA A 146 11.45 -15.47 4.71
N ALA A 147 12.18 -15.50 5.83
CA ALA A 147 13.17 -16.59 5.95
C ALA A 147 12.53 -17.93 5.89
N ALA A 148 11.43 -18.12 6.65
CA ALA A 148 10.64 -19.34 6.57
C ALA A 148 9.62 -19.26 5.44
N ASN A 149 9.75 -20.13 4.46
CA ASN A 149 8.85 -20.09 3.31
C ASN A 149 8.54 -21.54 2.90
N ILE A 150 7.35 -21.97 3.17
CA ILE A 150 6.97 -23.41 2.89
C ILE A 150 5.77 -23.36 1.91
N ASP A 151 5.86 -24.09 0.77
CA ASP A 151 4.88 -24.08 -0.33
C ASP A 151 4.49 -22.64 -0.66
N ASN A 152 5.52 -21.83 -0.88
CA ASN A 152 5.39 -20.42 -1.37
C ASN A 152 4.63 -19.56 -0.40
N ASN A 153 4.55 -20.01 0.87
CA ASN A 153 3.79 -19.24 1.90
C ASN A 153 2.37 -18.94 1.43
N CYS A 154 1.69 -19.91 0.77
CA CYS A 154 0.33 -19.77 0.19
C CYS A 154 -0.43 -20.97 0.66
N PHE A 155 -1.75 -20.80 0.86
CA PHE A 155 -2.57 -22.04 1.09
C PHE A 155 -3.91 -21.73 0.39
N TYR A 156 -4.70 -22.78 0.16
CA TYR A 156 -5.97 -22.65 -0.57
C TYR A 156 -7.12 -23.02 0.32
N ALA A 157 -8.20 -22.36 0.08
CA ALA A 157 -9.45 -22.79 0.85
C ALA A 157 -10.59 -22.63 -0.14
N GLU A 158 -11.70 -23.22 0.22
CA GLU A 158 -12.80 -23.10 -0.73
C GLU A 158 -14.07 -22.66 -0.01
N LEU A 159 -14.87 -21.80 -0.69
CA LEU A 159 -16.13 -21.34 -0.12
C LEU A 159 -17.20 -22.03 -0.98
N ASP A 160 -18.13 -22.67 -0.32
CA ASP A 160 -19.27 -23.19 -1.08
C ASP A 160 -20.37 -22.19 -0.88
N ALA A 161 -20.61 -21.45 -1.96
CA ALA A 161 -21.60 -20.44 -2.04
C ALA A 161 -22.67 -20.82 -3.08
N ASN A 162 -22.79 -22.15 -3.32
CA ASN A 162 -23.87 -22.68 -4.21
C ASN A 162 -25.08 -22.99 -3.30
N LYS A 163 -25.73 -21.93 -2.78
CA LYS A 163 -26.79 -22.03 -1.84
C LYS A 163 -27.74 -20.86 -2.08
N ASN A 164 -28.94 -20.90 -1.48
CA ASN A 164 -29.89 -19.81 -1.73
C ASN A 164 -29.41 -18.53 -1.06
N PRO A 165 -29.83 -17.40 -1.63
CA PRO A 165 -29.70 -16.13 -0.95
C PRO A 165 -30.11 -16.19 0.51
N GLY A 166 -29.34 -15.60 1.42
CA GLY A 166 -29.63 -15.67 2.84
C GLY A 166 -28.90 -16.75 3.56
N GLU A 167 -28.43 -17.78 2.84
CA GLU A 167 -27.73 -18.87 3.54
C GLU A 167 -26.24 -18.44 3.79
N ILE A 168 -25.64 -19.05 4.80
CA ILE A 168 -24.25 -18.80 5.13
C ILE A 168 -23.36 -19.67 4.29
N VAL A 169 -22.36 -19.10 3.64
CA VAL A 169 -21.37 -19.79 2.85
C VAL A 169 -20.52 -20.73 3.71
N LYS A 170 -20.28 -21.96 3.27
CA LYS A 170 -19.48 -22.89 4.04
C LYS A 170 -18.04 -22.76 3.64
N ILE A 171 -17.17 -22.72 4.68
CA ILE A 171 -15.78 -22.54 4.43
C ILE A 171 -15.11 -23.92 4.65
N ASN A 172 -14.34 -24.33 3.64
CA ASN A 172 -13.68 -25.61 3.66
C ASN A 172 -12.15 -25.44 3.50
N VAL A 173 -11.36 -25.66 4.54
CA VAL A 173 -9.93 -25.53 4.48
C VAL A 173 -9.30 -26.95 4.57
N PRO A 174 -8.45 -27.24 3.64
CA PRO A 174 -7.89 -28.60 3.72
C PRO A 174 -7.15 -28.85 5.03
N ALA A 175 -7.12 -30.10 5.48
CA ALA A 175 -6.73 -30.32 6.89
C ALA A 175 -5.24 -30.10 7.11
N GLN A 176 -4.47 -30.19 6.04
CA GLN A 176 -3.00 -30.11 6.15
C GLN A 176 -2.52 -28.69 6.56
N PHE A 177 -3.37 -27.66 6.35
CA PHE A 177 -2.89 -26.27 6.64
C PHE A 177 -3.15 -25.85 8.10
N PRO A 178 -2.10 -25.50 8.88
CA PRO A 178 -2.24 -25.07 10.27
C PRO A 178 -2.63 -23.61 10.34
N ILE A 179 -3.83 -23.32 9.79
CA ILE A 179 -4.37 -21.94 9.75
C ILE A 179 -5.86 -22.09 10.12
N GLN A 180 -6.54 -20.99 10.39
CA GLN A 180 -8.01 -21.08 10.52
C GLN A 180 -8.64 -20.07 9.65
N VAL A 181 -9.73 -20.42 8.98
CA VAL A 181 -10.47 -19.42 8.24
C VAL A 181 -11.86 -19.50 8.86
N PHE A 182 -12.40 -18.35 9.29
CA PHE A 182 -13.71 -18.31 9.95
C PHE A 182 -14.52 -17.15 9.45
N GLY A 183 -15.80 -17.13 9.77
CA GLY A 183 -16.57 -15.92 9.46
C GLY A 183 -17.93 -16.34 9.00
N GLN A 184 -18.79 -15.36 8.87
CA GLN A 184 -20.10 -15.62 8.30
C GLN A 184 -20.39 -14.84 7.03
N VAL A 185 -20.03 -15.34 5.86
CA VAL A 185 -20.29 -14.65 4.62
C VAL A 185 -21.63 -15.22 4.15
N TYR A 186 -22.49 -14.35 3.62
CA TYR A 186 -23.84 -14.83 3.19
C TYR A 186 -24.00 -14.70 1.73
N VAL A 187 -24.87 -15.57 1.16
CA VAL A 187 -25.21 -15.39 -0.24
C VAL A 187 -26.22 -14.22 -0.37
N ALA A 188 -25.94 -13.36 -1.33
CA ALA A 188 -26.82 -12.23 -1.57
C ALA A 188 -27.69 -12.55 -2.81
N ASP A 189 -28.90 -11.97 -2.80
CA ASP A 189 -29.74 -12.02 -4.04
C ASP A 189 -29.22 -11.12 -5.19
N SER A 190 -29.78 -11.27 -6.41
CA SER A 190 -29.25 -10.56 -7.57
C SER A 190 -29.38 -9.04 -7.36
N ASN A 191 -30.32 -8.59 -6.56
CA ASN A 191 -30.44 -7.12 -6.38
C ASN A 191 -29.32 -6.62 -5.49
N GLU A 192 -29.10 -7.33 -4.38
CA GLU A 192 -28.01 -6.93 -3.41
C GLU A 192 -26.61 -7.22 -3.87
N ALA A 193 -26.44 -8.32 -4.61
CA ALA A 193 -25.08 -8.73 -5.04
C ALA A 193 -24.16 -7.69 -5.65
N PRO A 194 -24.69 -6.80 -6.50
CA PRO A 194 -23.76 -5.83 -7.06
C PRO A 194 -23.17 -4.96 -5.94
N TYR A 195 -23.83 -4.84 -4.79
CA TYR A 195 -23.36 -3.99 -3.66
C TYR A 195 -22.37 -4.75 -2.69
N CYS A 196 -22.23 -6.07 -2.84
CA CYS A 196 -21.39 -6.86 -1.91
C CYS A 196 -19.91 -6.63 -2.02
N GLN A 197 -19.19 -6.93 -0.92
CA GLN A 197 -17.76 -6.97 -0.99
C GLN A 197 -17.46 -8.23 -0.23
N LEU A 198 -16.54 -9.03 -0.72
CA LEU A 198 -16.05 -10.19 0.05
C LEU A 198 -14.69 -9.79 0.56
N ASP A 199 -14.58 -9.67 1.89
CA ASP A 199 -13.32 -9.20 2.48
C ASP A 199 -12.64 -10.25 3.30
N VAL A 200 -11.35 -10.04 3.54
CA VAL A 200 -10.71 -10.91 4.53
C VAL A 200 -10.05 -9.95 5.49
N VAL A 201 -10.06 -10.32 6.78
CA VAL A 201 -9.37 -9.54 7.81
C VAL A 201 -8.39 -10.49 8.49
N VAL A 202 -7.13 -10.05 8.63
CA VAL A 202 -6.12 -10.94 9.22
C VAL A 202 -6.09 -10.71 10.72
N HIS A 203 -6.14 -11.80 11.49
CA HIS A 203 -5.97 -11.77 12.94
C HIS A 203 -4.69 -12.49 13.31
N ASP A 204 -4.26 -12.40 14.59
CA ASP A 204 -2.96 -13.01 15.01
C ASP A 204 -2.94 -14.49 14.73
N ASN A 205 -1.72 -14.98 14.45
CA ASN A 205 -1.49 -16.45 14.35
C ASN A 205 -2.25 -17.09 13.23
N ASN A 206 -2.24 -16.46 12.05
CA ASN A 206 -2.77 -17.04 10.84
C ASN A 206 -4.24 -17.44 11.02
N ARG A 207 -5.04 -16.50 11.57
CA ARG A 207 -6.47 -16.71 11.65
C ARG A 207 -7.08 -15.68 10.74
N TYR A 208 -7.82 -16.11 9.74
CA TYR A 208 -8.36 -15.23 8.69
C TYR A 208 -9.88 -15.14 8.80
N GLN A 209 -10.40 -13.90 8.94
CA GLN A 209 -11.84 -13.77 9.04
C GLN A 209 -12.34 -13.37 7.69
N VAL A 210 -13.23 -14.17 7.10
CA VAL A 210 -13.91 -13.73 5.85
C VAL A 210 -15.22 -13.05 6.19
N LYS A 211 -15.58 -12.01 5.47
CA LYS A 211 -16.73 -11.18 5.82
C LYS A 211 -17.37 -10.74 4.56
N GLY A 212 -18.70 -10.45 4.60
CA GLY A 212 -19.31 -9.81 3.47
C GLY A 212 -20.29 -10.81 2.84
N CYS A 213 -20.42 -10.65 1.53
CA CYS A 213 -21.39 -11.51 0.78
C CYS A 213 -20.94 -11.65 -0.64
N LEU A 214 -21.61 -12.59 -1.37
CA LEU A 214 -21.31 -12.71 -2.77
C LEU A 214 -22.57 -13.34 -3.43
N ALA A 215 -22.67 -13.19 -4.73
CA ALA A 215 -23.83 -13.81 -5.45
C ALA A 215 -23.78 -15.32 -5.31
N ARG A 216 -24.96 -15.96 -5.46
CA ARG A 216 -24.80 -17.44 -5.55
C ARG A 216 -23.81 -17.83 -6.57
N GLN A 217 -22.98 -18.85 -6.30
CA GLN A 217 -21.96 -19.30 -7.18
C GLN A 217 -22.40 -20.70 -7.75
N TYR A 218 -21.92 -21.01 -8.91
CA TYR A 218 -22.37 -22.25 -9.68
C TYR A 218 -21.21 -23.09 -10.01
N LYS A 219 -20.19 -22.84 -9.19
CA LYS A 219 -18.98 -23.72 -9.12
C LYS A 219 -18.28 -23.33 -7.75
N PRO A 220 -17.35 -24.18 -7.22
CA PRO A 220 -16.74 -23.86 -5.87
C PRO A 220 -15.92 -22.60 -6.05
N PHE A 221 -15.96 -21.70 -5.06
CA PHE A 221 -15.30 -20.37 -5.11
C PHE A 221 -13.95 -20.58 -4.37
N GLY A 222 -12.86 -20.68 -5.08
CA GLY A 222 -11.52 -20.81 -4.41
C GLY A 222 -11.02 -19.51 -3.76
N LEU A 223 -10.30 -19.65 -2.62
CA LEU A 223 -9.52 -18.56 -2.00
C LEU A 223 -8.07 -19.02 -2.01
N SER A 224 -7.14 -18.19 -2.43
CA SER A 224 -5.74 -18.59 -2.30
C SER A 224 -5.20 -17.50 -1.39
N PHE A 225 -4.68 -17.84 -0.20
CA PHE A 225 -4.31 -16.79 0.71
C PHE A 225 -2.79 -16.91 1.00
N ALA A 226 -2.23 -15.74 1.24
CA ALA A 226 -0.86 -15.71 1.75
C ALA A 226 -0.81 -15.93 3.23
N VAL A 227 0.13 -16.77 3.66
CA VAL A 227 0.44 -16.98 5.08
C VAL A 227 0.97 -15.68 5.66
N GLN A 228 0.44 -15.25 6.81
CA GLN A 228 0.83 -13.96 7.36
C GLN A 228 1.93 -14.08 8.44
N ASN A 229 1.87 -15.09 9.30
CA ASN A 229 2.87 -15.22 10.34
C ASN A 229 3.69 -16.47 9.94
N THR A 230 4.81 -16.17 9.28
CA THR A 230 5.50 -17.31 8.60
C THR A 230 6.31 -18.19 9.62
N ASP A 231 6.81 -17.61 10.69
CA ASP A 231 7.46 -18.48 11.71
C ASP A 231 6.43 -19.34 12.42
N ALA A 232 5.22 -18.81 12.79
CA ALA A 232 4.21 -19.65 13.39
C ALA A 232 3.84 -20.82 12.50
N TYR A 233 3.63 -20.52 11.17
CA TYR A 233 3.18 -21.50 10.26
C TYR A 233 4.27 -22.61 10.10
N ALA A 234 5.54 -22.22 9.98
CA ALA A 234 6.61 -23.23 9.86
C ALA A 234 6.77 -24.06 11.14
N ALA A 235 6.60 -23.44 12.30
CA ALA A 235 6.78 -24.22 13.58
C ALA A 235 5.58 -25.18 13.63
N ALA A 236 4.41 -24.77 13.18
CA ALA A 236 3.24 -25.64 13.26
C ALA A 236 3.43 -26.85 12.34
N ILE A 237 3.95 -26.59 11.15
CA ILE A 237 4.16 -27.66 10.20
C ILE A 237 5.22 -28.62 10.74
N ILE A 238 6.32 -28.06 11.22
CA ILE A 238 7.42 -28.92 11.76
C ILE A 238 6.84 -29.89 12.82
N GLN A 239 6.05 -29.37 13.74
CA GLN A 239 5.53 -30.24 14.81
C GLN A 239 4.58 -31.27 14.21
N ARG A 240 3.75 -30.96 13.22
CA ARG A 240 2.89 -32.03 12.65
C ARG A 240 3.75 -33.08 12.00
N GLN A 241 4.84 -32.65 11.37
CA GLN A 241 5.66 -33.61 10.62
C GLN A 241 6.42 -34.50 11.61
N LEU A 242 6.96 -33.90 12.68
CA LEU A 242 7.63 -34.69 13.75
C LEU A 242 6.70 -35.76 14.25
N ARG A 243 5.46 -35.38 14.50
CA ARG A 243 4.46 -36.37 14.97
C ARG A 243 4.22 -37.50 13.96
N LYS A 244 4.07 -37.17 12.67
CA LYS A 244 3.80 -38.14 11.62
C LYS A 244 5.05 -39.03 11.45
N LEU A 245 6.26 -38.51 11.70
CA LEU A 245 7.47 -39.33 11.64
C LEU A 245 7.64 -40.22 12.87
N GLY A 246 6.81 -40.06 13.89
CA GLY A 246 7.05 -40.84 15.11
C GLY A 246 8.20 -40.36 15.96
N ILE A 247 8.53 -39.07 15.84
CA ILE A 247 9.46 -38.46 16.75
C ILE A 247 8.71 -37.72 17.83
N GLU A 248 8.83 -38.22 19.07
CA GLU A 248 8.15 -37.56 20.17
C GLU A 248 8.75 -36.18 20.49
N PHE A 249 7.86 -35.20 20.69
CA PHE A 249 8.27 -33.85 21.06
C PHE A 249 7.21 -33.27 21.96
N ASN A 250 7.64 -32.72 23.07
CA ASN A 250 6.78 -32.19 24.09
C ASN A 250 7.20 -30.81 24.55
N GLY A 251 8.03 -30.08 23.79
CA GLY A 251 8.66 -28.84 24.30
C GLY A 251 8.01 -27.59 23.76
N LYS A 252 8.68 -26.46 23.95
CA LYS A 252 8.15 -25.18 23.66
C LYS A 252 8.64 -24.89 22.22
N VAL A 253 7.93 -24.02 21.53
CA VAL A 253 8.44 -23.43 20.31
C VAL A 253 9.06 -22.08 20.70
N LEU A 254 10.37 -21.92 20.46
CA LEU A 254 11.12 -20.71 20.82
C LEU A 254 11.55 -19.95 19.55
N LEU A 255 11.41 -18.64 19.52
CA LEU A 255 11.79 -17.83 18.33
C LEU A 255 12.69 -16.77 18.84
N PRO A 256 13.95 -17.12 19.12
CA PRO A 256 14.91 -16.18 19.73
C PRO A 256 15.38 -15.04 18.94
N GLN A 257 15.19 -15.07 17.62
CA GLN A 257 15.63 -13.85 16.85
C GLN A 257 17.11 -13.56 16.90
N LYS A 258 17.98 -14.54 17.05
CA LYS A 258 19.40 -14.27 16.89
C LYS A 258 19.98 -15.56 16.27
N PRO A 259 21.19 -15.53 15.70
CA PRO A 259 21.70 -16.81 15.15
C PRO A 259 21.86 -17.87 16.21
N GLN A 260 21.61 -19.13 15.91
CA GLN A 260 21.63 -20.24 16.90
C GLN A 260 22.82 -21.16 16.52
N GLN A 261 23.82 -21.29 17.39
CA GLN A 261 24.89 -22.22 17.08
C GLN A 261 24.56 -23.63 17.45
N GLY A 262 25.05 -24.62 16.71
CA GLY A 262 24.90 -25.99 17.12
C GLY A 262 25.63 -26.92 16.19
N GLN A 263 25.61 -28.21 16.50
CA GLN A 263 26.22 -29.17 15.54
C GLN A 263 25.26 -29.37 14.35
N LEU A 264 25.77 -29.25 13.11
CA LEU A 264 24.93 -29.55 11.92
C LEU A 264 24.48 -31.00 11.83
N LEU A 265 23.20 -31.30 11.87
CA LEU A 265 22.64 -32.66 11.71
C LEU A 265 22.32 -33.01 10.25
N ALA A 266 21.80 -32.03 9.53
CA ALA A 266 21.33 -32.34 8.18
C ALA A 266 21.05 -30.99 7.51
N LYS A 267 21.31 -30.92 6.21
CA LYS A 267 21.08 -29.64 5.46
C LYS A 267 20.40 -29.96 4.13
N HIS A 268 19.27 -29.29 3.82
CA HIS A 268 18.60 -29.42 2.53
C HIS A 268 19.05 -28.23 1.67
N LEU A 269 19.44 -28.47 0.45
CA LEU A 269 19.90 -27.41 -0.50
C LEU A 269 18.83 -27.24 -1.56
N SER A 270 18.43 -25.99 -1.81
CA SER A 270 17.59 -25.69 -2.95
C SER A 270 18.26 -26.00 -4.29
N LYS A 271 17.48 -25.88 -5.34
CA LYS A 271 18.09 -25.84 -6.65
C LYS A 271 19.02 -24.63 -6.74
N PRO A 272 20.03 -24.67 -7.57
CA PRO A 272 21.01 -23.59 -7.61
C PRO A 272 20.48 -22.34 -8.37
N LEU A 273 21.27 -21.31 -8.24
CA LEU A 273 20.80 -19.96 -8.75
C LEU A 273 20.27 -20.00 -10.17
N PRO A 274 20.92 -20.72 -11.17
CA PRO A 274 20.36 -20.56 -12.51
C PRO A 274 18.94 -21.05 -12.59
N ASP A 275 18.60 -22.11 -11.84
CA ASP A 275 17.22 -22.62 -11.89
C ASP A 275 16.23 -21.65 -11.24
N LEU A 276 16.71 -21.07 -10.12
CA LEU A 276 15.90 -20.04 -9.43
C LEU A 276 15.66 -18.85 -10.34
N LEU A 277 16.72 -18.37 -11.01
CA LEU A 277 16.56 -17.17 -11.80
C LEU A 277 15.67 -17.48 -12.99
N LYS A 278 15.76 -18.69 -13.58
CA LYS A 278 14.89 -19.01 -14.72
C LYS A 278 13.43 -18.98 -14.30
N LYS A 279 13.07 -19.56 -13.17
CA LYS A 279 11.72 -19.50 -12.78
C LYS A 279 11.30 -18.04 -12.46
N MET A 280 12.21 -17.34 -11.76
CA MET A 280 11.79 -15.96 -11.41
C MET A 280 11.51 -15.13 -12.69
N MET A 281 12.41 -15.24 -13.69
CA MET A 281 12.27 -14.42 -14.88
C MET A 281 11.16 -14.89 -15.84
N LYS A 282 11.01 -16.23 -15.96
CA LYS A 282 9.98 -16.72 -16.91
C LYS A 282 8.59 -16.46 -16.36
N LYS A 283 8.37 -16.75 -15.08
CA LYS A 283 7.09 -16.83 -14.47
C LYS A 283 6.77 -15.63 -13.62
N SER A 284 7.74 -14.76 -13.43
CA SER A 284 7.58 -13.52 -12.63
C SER A 284 7.28 -13.82 -11.13
N ASP A 285 8.18 -14.56 -10.47
CA ASP A 285 7.97 -14.99 -9.10
C ASP A 285 8.48 -13.94 -8.15
N ASN A 286 7.49 -13.30 -7.48
CA ASN A 286 7.88 -12.17 -6.56
C ASN A 286 8.68 -12.68 -5.39
N GLN A 287 8.37 -13.88 -4.89
CA GLN A 287 9.06 -14.34 -3.70
C GLN A 287 10.53 -14.77 -4.04
N ILE A 288 10.75 -15.37 -5.18
CA ILE A 288 12.15 -15.66 -5.58
C ILE A 288 12.92 -14.33 -5.71
N ALA A 289 12.29 -13.31 -6.32
CA ALA A 289 12.96 -12.03 -6.40
C ALA A 289 13.32 -11.39 -5.11
N ASP A 290 12.37 -11.29 -4.18
CA ASP A 290 12.71 -10.58 -2.96
C ASP A 290 13.56 -11.45 -2.04
N SER A 291 13.42 -12.78 -2.15
CA SER A 291 14.35 -13.61 -1.36
C SER A 291 15.80 -13.50 -1.86
N LEU A 292 15.99 -13.52 -3.17
CA LEU A 292 17.35 -13.28 -3.70
C LEU A 292 17.82 -11.85 -3.38
N PHE A 293 16.94 -10.85 -3.42
CA PHE A 293 17.35 -9.48 -3.12
C PHE A 293 17.99 -9.42 -1.73
N ARG A 294 17.33 -10.03 -0.75
CA ARG A 294 17.91 -9.99 0.64
C ARG A 294 19.05 -10.98 0.78
N ALA A 295 19.04 -12.13 0.10
CA ALA A 295 20.18 -13.05 0.15
C ALA A 295 21.43 -12.34 -0.39
N VAL A 296 21.28 -11.61 -1.49
CA VAL A 296 22.44 -10.85 -2.05
C VAL A 296 23.00 -9.94 -0.93
N ALA A 297 22.15 -9.23 -0.24
CA ALA A 297 22.63 -8.31 0.81
C ALA A 297 23.23 -9.04 1.98
N PHE A 298 22.63 -10.13 2.38
CA PHE A 298 23.27 -10.90 3.49
C PHE A 298 24.68 -11.35 3.12
N ASN A 299 24.91 -11.91 1.93
CA ASN A 299 26.20 -12.38 1.50
C ASN A 299 27.11 -11.24 1.18
N TYR A 300 26.59 -10.12 0.74
CA TYR A 300 27.53 -9.04 0.32
C TYR A 300 28.01 -8.24 1.52
N TYR A 301 27.16 -7.94 2.50
CA TYR A 301 27.51 -7.10 3.65
C TYR A 301 27.85 -7.96 4.90
N LYS A 302 27.59 -9.27 4.84
CA LYS A 302 27.90 -10.21 5.95
C LYS A 302 27.16 -9.85 7.22
N ARG A 303 25.87 -9.51 7.10
CA ARG A 303 25.06 -9.12 8.24
C ARG A 303 23.57 -9.37 7.86
N PRO A 304 22.68 -9.54 8.88
CA PRO A 304 21.27 -9.79 8.55
C PRO A 304 20.74 -8.71 7.62
N ALA A 305 19.89 -9.11 6.65
CA ALA A 305 19.50 -8.19 5.56
C ALA A 305 18.06 -7.77 5.67
N SER A 306 17.86 -6.43 5.67
CA SER A 306 16.55 -5.87 5.50
C SER A 306 16.34 -5.51 4.01
N PHE A 307 15.12 -5.05 3.68
CA PHE A 307 14.96 -4.54 2.32
C PHE A 307 15.86 -3.32 2.07
N GLN A 308 16.09 -2.43 3.07
CA GLN A 308 17.04 -1.36 2.82
C GLN A 308 18.44 -1.83 2.53
N LEU A 309 18.92 -2.91 3.19
CA LEU A 309 20.26 -3.35 2.80
C LEU A 309 20.21 -3.99 1.43
N GLY A 310 19.09 -4.68 1.07
CA GLY A 310 18.96 -5.17 -0.34
C GLY A 310 19.13 -4.05 -1.37
N THR A 311 18.49 -2.87 -1.12
CA THR A 311 18.61 -1.78 -2.09
C THR A 311 20.05 -1.23 -2.15
N LEU A 312 20.66 -1.19 -0.98
CA LEU A 312 22.10 -0.71 -1.00
C LEU A 312 23.01 -1.66 -1.73
N ALA A 313 22.79 -2.97 -1.53
CA ALA A 313 23.67 -3.96 -2.18
C ALA A 313 23.43 -3.98 -3.67
N VAL A 314 22.18 -3.99 -4.14
CA VAL A 314 21.96 -4.11 -5.55
C VAL A 314 22.54 -2.86 -6.27
N LYS A 315 22.31 -1.70 -5.67
CA LYS A 315 22.90 -0.50 -6.36
C LYS A 315 24.45 -0.53 -6.33
N SER A 316 25.04 -0.91 -5.17
CA SER A 316 26.48 -0.97 -5.07
C SER A 316 27.07 -1.96 -6.07
N ILE A 317 26.46 -3.14 -6.19
CA ILE A 317 27.05 -4.15 -7.10
C ILE A 317 26.90 -3.75 -8.57
N LEU A 318 25.75 -3.16 -8.94
CA LEU A 318 25.50 -2.75 -10.35
C LEU A 318 26.36 -1.46 -10.64
N GLN A 319 26.46 -0.57 -9.67
CA GLN A 319 27.25 0.69 -9.92
C GLN A 319 28.72 0.31 -10.23
N LYS A 320 29.25 -0.71 -9.59
CA LYS A 320 30.63 -1.15 -9.91
C LYS A 320 30.75 -1.67 -11.30
N GLN A 321 29.65 -2.15 -11.88
CA GLN A 321 29.69 -2.58 -13.24
C GLN A 321 29.32 -1.53 -14.23
N GLY A 322 29.19 -0.29 -13.78
CA GLY A 322 28.93 0.80 -14.66
C GLY A 322 27.55 1.32 -14.76
N ILE A 323 26.60 0.69 -14.04
CA ILE A 323 25.23 1.18 -14.13
C ILE A 323 25.10 2.47 -13.29
N ARG A 324 24.34 3.42 -13.76
CA ARG A 324 24.15 4.67 -13.01
C ARG A 324 22.68 4.88 -12.65
N PHE A 325 22.41 4.89 -11.36
CA PHE A 325 21.00 4.93 -10.92
C PHE A 325 20.52 6.34 -10.65
N GLY A 326 21.44 7.35 -10.58
CA GLY A 326 20.88 8.65 -10.25
C GLY A 326 20.00 8.60 -8.97
N ASN A 327 18.80 9.24 -9.02
CA ASN A 327 17.94 9.28 -7.94
C ASN A 327 16.74 8.30 -8.09
N SER A 328 16.97 7.17 -8.78
CA SER A 328 15.98 6.11 -8.81
C SER A 328 15.65 5.64 -7.44
N ILE A 329 14.45 5.14 -7.30
CA ILE A 329 14.05 4.48 -6.07
C ILE A 329 13.85 2.99 -6.31
N LEU A 330 14.67 2.18 -5.64
CA LEU A 330 14.56 0.71 -5.77
C LEU A 330 14.22 0.15 -4.40
N ALA A 331 12.91 -0.08 -4.11
CA ALA A 331 12.53 -0.35 -2.74
C ALA A 331 12.46 -1.84 -2.47
N ASP A 332 12.59 -2.63 -3.54
CA ASP A 332 12.46 -4.10 -3.40
C ASP A 332 13.16 -4.72 -4.63
N GLY A 333 13.15 -6.07 -4.65
CA GLY A 333 13.78 -6.78 -5.75
C GLY A 333 12.70 -7.19 -6.74
N SER A 334 11.49 -7.28 -6.26
CA SER A 334 10.35 -7.75 -7.13
C SER A 334 9.70 -6.70 -8.01
N GLY A 335 9.81 -5.45 -7.58
CA GLY A 335 9.03 -4.42 -8.28
C GLY A 335 7.61 -4.21 -7.71
N LEU A 336 7.25 -4.86 -6.61
CA LEU A 336 5.87 -4.66 -6.12
C LEU A 336 5.61 -3.28 -5.53
N SER A 337 6.63 -2.62 -4.97
CA SER A 337 6.40 -1.31 -4.28
C SER A 337 5.90 -0.21 -5.24
N ARG A 338 4.88 0.51 -4.76
CA ARG A 338 4.45 1.72 -5.49
C ARG A 338 5.36 2.88 -5.22
N HIS A 339 6.36 2.71 -4.39
CA HIS A 339 7.42 3.73 -4.33
C HIS A 339 8.50 3.59 -5.36
N ASN A 340 8.57 2.47 -6.09
CA ASN A 340 9.70 2.33 -7.05
C ASN A 340 9.61 3.39 -8.16
N LEU A 341 10.77 3.89 -8.57
CA LEU A 341 10.82 4.92 -9.61
C LEU A 341 12.10 4.66 -10.38
N VAL A 342 11.94 4.33 -11.68
CA VAL A 342 13.14 4.17 -12.48
C VAL A 342 12.80 4.65 -13.89
N ALA A 343 13.80 5.25 -14.56
CA ALA A 343 13.58 5.69 -15.95
C ALA A 343 13.85 4.56 -16.93
N PRO A 344 13.16 4.55 -18.03
CA PRO A 344 13.46 3.54 -19.06
C PRO A 344 14.89 3.48 -19.45
N LYS A 345 15.58 4.60 -19.60
CA LYS A 345 17.02 4.52 -19.98
C LYS A 345 17.94 3.77 -18.99
N THR A 346 17.59 3.75 -17.71
CA THR A 346 18.41 3.04 -16.73
C THR A 346 18.20 1.53 -16.90
N MET A 347 16.92 1.11 -17.04
CA MET A 347 16.68 -0.30 -17.38
C MET A 347 17.35 -0.72 -18.70
N LEU A 348 17.35 0.17 -19.71
CA LEU A 348 17.99 -0.18 -21.00
C LEU A 348 19.48 -0.40 -20.72
N SER A 349 20.13 0.44 -19.89
CA SER A 349 21.59 0.23 -19.62
C SER A 349 21.84 -1.20 -19.06
N VAL A 350 20.89 -1.68 -18.19
CA VAL A 350 21.10 -3.04 -17.63
C VAL A 350 20.90 -4.09 -18.69
N LEU A 351 19.91 -3.95 -19.58
CA LEU A 351 19.74 -4.89 -20.65
C LEU A 351 20.98 -4.92 -21.55
N GLU A 352 21.57 -3.76 -21.81
CA GLU A 352 22.83 -3.76 -22.69
C GLU A 352 23.92 -4.49 -22.00
N TYR A 353 24.00 -4.33 -20.66
CA TYR A 353 25.04 -5.03 -19.86
C TYR A 353 24.81 -6.53 -19.95
N ILE A 354 23.52 -6.98 -19.83
CA ILE A 354 23.16 -8.42 -19.97
C ILE A 354 23.60 -8.93 -21.35
N ALA A 355 23.29 -8.19 -22.41
CA ALA A 355 23.66 -8.72 -23.72
C ALA A 355 25.17 -8.70 -23.93
N LYS A 356 25.85 -7.68 -23.46
CA LYS A 356 27.30 -7.63 -23.69
C LYS A 356 28.03 -8.77 -22.95
N ASN A 357 27.48 -9.18 -21.80
CA ASN A 357 28.19 -10.15 -20.91
C ASN A 357 27.49 -11.47 -20.95
N GLU A 358 26.75 -11.76 -21.98
CA GLU A 358 26.02 -13.03 -22.06
C GLU A 358 26.94 -14.27 -21.92
N ASP A 359 28.18 -14.12 -22.44
CA ASP A 359 29.04 -15.37 -22.32
C ASP A 359 29.35 -15.73 -20.89
N LYS A 360 29.40 -14.77 -20.00
CA LYS A 360 29.61 -15.06 -18.57
C LYS A 360 28.29 -15.22 -17.82
N LEU A 361 27.31 -14.37 -18.15
CA LEU A 361 26.08 -14.31 -17.29
C LEU A 361 25.02 -15.35 -17.68
N HIS A 362 24.85 -15.68 -18.96
CA HIS A 362 23.85 -16.63 -19.43
C HIS A 362 22.42 -16.26 -18.95
N LEU A 363 22.15 -14.92 -18.96
CA LEU A 363 20.82 -14.48 -18.55
C LEU A 363 19.84 -14.36 -19.73
N MET A 364 20.38 -14.39 -20.98
CA MET A 364 19.38 -14.25 -22.07
C MET A 364 18.29 -15.32 -22.13
N GLU A 365 18.67 -16.58 -21.75
CA GLU A 365 17.76 -17.69 -21.82
C GLU A 365 16.76 -17.68 -20.70
N THR A 366 16.86 -16.70 -19.77
CA THR A 366 15.79 -16.62 -18.74
C THR A 366 14.59 -15.77 -19.13
N PHE A 367 14.74 -14.98 -20.23
CA PHE A 367 13.61 -14.08 -20.62
C PHE A 367 12.50 -14.93 -21.28
N PRO A 368 11.25 -14.66 -20.94
CA PRO A 368 10.11 -15.22 -21.66
C PRO A 368 10.20 -14.97 -23.13
N ILE A 369 9.77 -15.97 -23.95
CA ILE A 369 9.90 -15.85 -25.42
C ILE A 369 8.49 -15.77 -26.01
N ALA A 370 8.25 -14.75 -26.85
CA ALA A 370 6.91 -14.44 -27.38
C ALA A 370 6.30 -15.68 -28.10
N GLY A 371 5.08 -15.95 -27.69
CA GLY A 371 4.29 -17.10 -28.23
C GLY A 371 4.88 -18.45 -27.85
N VAL A 372 5.82 -18.54 -26.89
CA VAL A 372 6.53 -19.81 -26.60
C VAL A 372 6.52 -20.15 -25.12
N ASP A 373 6.97 -19.22 -24.25
CA ASP A 373 6.89 -19.56 -22.85
C ASP A 373 6.84 -18.35 -21.93
N GLY A 374 6.91 -18.67 -20.63
CA GLY A 374 6.73 -17.65 -19.58
C GLY A 374 5.53 -16.78 -19.78
N THR A 375 5.68 -15.57 -19.31
CA THR A 375 4.49 -14.70 -19.19
C THR A 375 4.08 -13.98 -20.54
N ILE A 376 4.81 -14.19 -21.61
CA ILE A 376 4.34 -13.69 -22.89
C ILE A 376 4.02 -14.83 -23.87
N SER A 377 3.78 -16.02 -23.37
CA SER A 377 3.54 -17.15 -24.30
C SER A 377 2.26 -16.83 -25.10
N GLY A 378 1.26 -16.07 -24.58
CA GLY A 378 0.14 -15.72 -25.46
C GLY A 378 -0.12 -14.23 -25.48
N ARG A 379 0.95 -13.44 -25.35
CA ARG A 379 0.81 -11.95 -25.39
C ARG A 379 0.25 -11.49 -26.75
N GLY A 380 -0.93 -10.86 -26.74
CA GLY A 380 -1.62 -10.62 -28.00
C GLY A 380 -0.82 -9.87 -29.04
N GLY A 381 -0.08 -8.85 -28.62
CA GLY A 381 0.57 -8.02 -29.59
C GLY A 381 1.84 -8.67 -30.18
N LEU A 382 2.31 -9.79 -29.62
CA LEU A 382 3.59 -10.36 -30.01
C LEU A 382 3.40 -11.76 -30.63
N ILE A 383 2.16 -12.21 -30.83
CA ILE A 383 2.00 -13.66 -31.21
C ILE A 383 1.96 -13.88 -32.70
N SER A 384 2.20 -12.88 -33.55
CA SER A 384 2.28 -13.13 -35.00
C SER A 384 3.64 -12.83 -35.51
N PRO A 385 3.97 -13.40 -36.65
CA PRO A 385 5.23 -12.99 -37.30
C PRO A 385 5.21 -11.47 -37.57
N PRO A 386 6.35 -10.80 -37.54
CA PRO A 386 7.76 -11.26 -37.32
C PRO A 386 8.15 -11.24 -35.85
N LEU A 387 7.18 -11.15 -34.94
CA LEU A 387 7.51 -10.96 -33.50
C LEU A 387 7.51 -12.25 -32.76
N VAL A 388 6.63 -13.18 -33.17
CA VAL A 388 6.53 -14.41 -32.42
C VAL A 388 7.82 -15.20 -32.60
N LYS A 389 8.26 -15.86 -31.52
CA LYS A 389 9.49 -16.62 -31.52
C LYS A 389 10.71 -15.77 -31.67
N ASN A 390 10.59 -14.45 -31.55
CA ASN A 390 11.71 -13.58 -31.80
C ASN A 390 11.88 -12.61 -30.60
N VAL A 391 10.83 -11.82 -30.36
CA VAL A 391 10.88 -10.95 -29.15
C VAL A 391 10.99 -11.80 -27.87
N ILE A 392 11.89 -11.44 -27.00
CA ILE A 392 11.98 -12.06 -25.67
C ILE A 392 11.91 -10.87 -24.67
N ALA A 393 11.15 -11.02 -23.64
CA ALA A 393 10.93 -9.85 -22.77
C ALA A 393 10.37 -10.28 -21.42
N LYS A 394 10.91 -9.58 -20.40
CA LYS A 394 10.38 -9.69 -19.07
C LYS A 394 9.19 -8.78 -18.95
N THR A 395 8.06 -9.29 -18.45
CA THR A 395 6.91 -8.44 -18.29
C THR A 395 6.93 -7.71 -16.90
N GLY A 396 6.17 -6.63 -16.82
CA GLY A 396 5.93 -6.00 -15.46
C GLY A 396 4.48 -5.65 -15.57
N SER A 397 3.63 -6.27 -14.74
CA SER A 397 2.20 -5.90 -14.74
C SER A 397 1.77 -5.69 -13.30
N LEU A 398 1.11 -4.56 -13.06
CA LEU A 398 0.41 -4.27 -11.82
C LEU A 398 -0.86 -3.54 -12.26
N LYS A 399 -1.77 -3.30 -11.34
CA LYS A 399 -2.89 -2.43 -11.75
C LYS A 399 -2.45 -1.10 -12.36
N GLY A 400 -2.87 -0.89 -13.61
CA GLY A 400 -2.49 0.32 -14.26
C GLY A 400 -1.17 0.32 -15.04
N VAL A 401 -0.44 -0.82 -14.93
CA VAL A 401 1.01 -0.76 -15.41
C VAL A 401 1.21 -2.01 -16.30
N TYR A 402 1.63 -1.72 -17.51
CA TYR A 402 1.92 -2.78 -18.55
C TYR A 402 3.26 -2.57 -19.22
N ASN A 403 4.28 -3.26 -18.67
CA ASN A 403 5.64 -3.04 -19.13
C ASN A 403 6.28 -4.28 -19.74
N LEU A 404 7.23 -4.03 -20.60
CA LEU A 404 8.10 -5.10 -21.21
C LEU A 404 9.53 -4.59 -21.27
N ALA A 405 10.48 -5.46 -20.98
CA ALA A 405 11.93 -5.12 -21.13
C ALA A 405 12.63 -6.32 -21.71
N GLY A 406 13.31 -6.10 -22.85
CA GLY A 406 13.93 -7.34 -23.46
C GLY A 406 14.61 -6.97 -24.75
N PHE A 407 14.61 -8.00 -25.61
CA PHE A 407 15.42 -7.93 -26.89
C PHE A 407 14.70 -8.58 -28.02
N MET A 408 15.12 -8.15 -29.24
CA MET A 408 14.52 -8.81 -30.45
C MET A 408 15.59 -8.68 -31.52
N THR A 409 15.34 -9.47 -32.58
CA THR A 409 16.17 -9.35 -33.78
C THR A 409 15.37 -8.58 -34.85
N ASN A 410 16.02 -7.61 -35.49
CA ASN A 410 15.28 -6.86 -36.57
C ASN A 410 15.43 -7.52 -37.96
N ALA A 411 14.83 -6.87 -38.93
CA ALA A 411 14.79 -7.49 -40.27
C ALA A 411 16.19 -7.65 -40.83
N ARG A 412 17.16 -6.92 -40.35
CA ARG A 412 18.59 -7.00 -40.84
C ARG A 412 19.38 -8.05 -40.08
N GLY A 413 18.76 -8.67 -39.05
CA GLY A 413 19.47 -9.64 -38.16
C GLY A 413 20.24 -8.99 -37.05
N GLU A 414 20.03 -7.67 -36.81
CA GLU A 414 20.73 -6.93 -35.72
C GLU A 414 19.88 -7.02 -34.46
N LYS A 415 20.57 -6.97 -33.34
CA LYS A 415 19.88 -7.16 -32.01
C LYS A 415 19.46 -5.78 -31.52
N VAL A 416 18.20 -5.72 -31.07
CA VAL A 416 17.66 -4.46 -30.48
C VAL A 416 17.27 -4.78 -29.02
N ALA A 417 17.75 -3.90 -28.11
CA ALA A 417 17.30 -4.00 -26.69
C ALA A 417 16.28 -2.89 -26.57
N PHE A 418 15.25 -3.18 -25.73
CA PHE A 418 14.17 -2.16 -25.58
C PHE A 418 13.54 -2.23 -24.20
N VAL A 419 13.02 -1.05 -23.80
CA VAL A 419 12.23 -0.95 -22.55
C VAL A 419 10.95 -0.20 -22.89
N GLN A 420 9.82 -0.82 -22.51
CA GLN A 420 8.48 -0.13 -22.66
C GLN A 420 7.89 -0.10 -21.27
N PHE A 421 7.75 1.12 -20.72
CA PHE A 421 6.95 1.27 -19.48
C PHE A 421 5.63 1.99 -19.81
N ILE A 422 4.52 1.38 -19.44
CA ILE A 422 3.21 2.10 -19.57
C ILE A 422 2.66 2.13 -18.12
N ASN A 423 2.28 3.36 -17.70
CA ASN A 423 1.64 3.50 -16.40
C ASN A 423 0.37 4.32 -16.60
N GLY A 424 -0.46 4.39 -15.59
CA GLY A 424 -1.70 5.14 -15.82
C GLY A 424 -2.74 4.49 -16.75
N TYR A 425 -2.63 3.18 -17.10
CA TYR A 425 -3.59 2.54 -18.01
C TYR A 425 -4.85 2.15 -17.33
N SER A 426 -5.95 2.76 -17.76
CA SER A 426 -7.25 2.52 -17.13
C SER A 426 -8.35 2.47 -18.21
N THR A 427 -9.10 1.36 -18.18
CA THR A 427 -10.17 1.16 -19.18
C THR A 427 -11.55 1.01 -18.51
N GLY A 428 -11.63 1.21 -17.20
CA GLY A 428 -12.96 1.11 -16.54
C GLY A 428 -12.79 1.23 -15.06
N ASP A 429 -13.80 0.77 -14.35
CA ASP A 429 -13.70 0.99 -12.93
C ASP A 429 -12.58 0.13 -12.24
N LEU A 430 -12.26 0.54 -11.02
CA LEU A 430 -11.18 -0.02 -10.24
C LEU A 430 -11.28 -1.57 -10.13
N GLU A 431 -12.50 -2.09 -9.91
CA GLU A 431 -12.62 -3.56 -9.75
C GLU A 431 -12.82 -4.33 -11.07
N SER A 432 -13.07 -3.64 -12.19
CA SER A 432 -13.29 -4.35 -13.47
C SER A 432 -12.06 -5.02 -14.08
N LYS A 433 -12.31 -5.98 -14.95
CA LYS A 433 -11.16 -6.57 -15.68
C LYS A 433 -10.68 -5.60 -16.80
N THR A 434 -9.37 -5.37 -16.82
CA THR A 434 -8.82 -4.36 -17.73
C THR A 434 -8.98 -4.85 -19.15
N LYS A 435 -9.35 -3.98 -20.07
CA LYS A 435 -9.42 -4.27 -21.51
C LYS A 435 -8.04 -4.15 -22.15
N ARG A 436 -7.55 -5.29 -22.69
CA ARG A 436 -6.21 -5.38 -23.29
C ARG A 436 -6.18 -5.01 -24.75
N ALA A 437 -7.32 -4.84 -25.42
CA ALA A 437 -7.21 -4.58 -26.83
C ALA A 437 -6.36 -3.35 -27.18
N PRO A 438 -6.47 -2.22 -26.45
CA PRO A 438 -5.51 -1.12 -26.74
C PRO A 438 -4.01 -1.47 -26.61
N LEU A 439 -3.66 -2.17 -25.56
CA LEU A 439 -2.30 -2.65 -25.30
C LEU A 439 -1.82 -3.50 -26.46
N VAL A 440 -2.73 -4.37 -26.90
CA VAL A 440 -2.38 -5.33 -28.00
C VAL A 440 -2.07 -4.54 -29.25
N GLN A 441 -2.87 -3.51 -29.58
CA GLN A 441 -2.63 -2.75 -30.81
C GLN A 441 -1.35 -1.94 -30.66
N PHE A 442 -1.14 -1.31 -29.46
CA PHE A 442 0.07 -0.52 -29.28
C PHE A 442 1.31 -1.42 -29.42
N GLU A 443 1.31 -2.57 -28.78
CA GLU A 443 2.53 -3.43 -28.78
C GLU A 443 2.79 -3.99 -30.19
N ARG A 444 1.72 -4.49 -30.82
CA ARG A 444 1.95 -4.97 -32.23
C ARG A 444 2.57 -3.89 -33.06
N ASN A 445 2.06 -2.66 -32.95
CA ASN A 445 2.69 -1.64 -33.70
C ASN A 445 4.12 -1.31 -33.33
N LEU A 446 4.38 -1.13 -32.03
CA LEU A 446 5.67 -0.70 -31.60
C LEU A 446 6.78 -1.71 -32.03
N TYR A 447 6.47 -2.99 -31.74
CA TYR A 447 7.52 -4.02 -32.03
C TYR A 447 7.66 -4.24 -33.52
N ASN A 448 6.58 -4.07 -34.25
CA ASN A 448 6.78 -4.00 -35.74
C ASN A 448 7.61 -2.86 -36.21
N GLU A 449 7.39 -1.65 -35.60
CA GLU A 449 8.28 -0.58 -35.97
C GLU A 449 9.74 -0.81 -35.63
N LEU A 450 10.01 -1.43 -34.48
CA LEU A 450 11.38 -1.73 -34.13
C LEU A 450 11.99 -2.82 -35.10
N TYR A 451 11.11 -3.78 -35.49
CA TYR A 451 11.63 -4.82 -36.40
C TYR A 451 12.02 -4.22 -37.77
N LYS A 452 11.25 -3.20 -38.23
CA LYS A 452 11.44 -2.69 -39.59
C LYS A 452 12.36 -1.49 -39.68
N TYR A 453 12.65 -0.86 -38.51
CA TYR A 453 13.42 0.40 -38.58
C TYR A 453 14.78 0.34 -39.19
N MET B 1 0.17 30.20 -25.48
CA MET B 1 0.05 29.75 -24.08
C MET B 1 1.40 29.89 -23.41
N ILE B 2 1.44 29.76 -22.09
CA ILE B 2 2.66 29.67 -21.34
C ILE B 2 3.51 28.46 -21.72
N ASN B 3 4.81 28.69 -21.88
CA ASN B 3 5.72 27.56 -22.15
C ASN B 3 6.06 26.78 -20.89
N VAL B 4 5.24 25.77 -20.57
CA VAL B 4 5.42 25.14 -19.29
C VAL B 4 6.58 24.19 -19.47
N SER B 5 6.76 23.70 -20.68
CA SER B 5 7.87 22.78 -20.98
C SER B 5 9.19 23.41 -20.54
N ASP B 6 9.45 24.64 -20.93
CA ASP B 6 10.64 25.37 -20.42
C ASP B 6 10.70 25.42 -18.91
N LEU B 7 9.61 25.76 -18.25
CA LEU B 7 9.61 25.77 -16.75
C LEU B 7 9.98 24.39 -16.14
N THR B 8 9.54 23.31 -16.77
CA THR B 8 9.81 21.99 -16.11
C THR B 8 11.30 21.55 -16.23
N GLN B 9 12.06 22.18 -17.13
CA GLN B 9 13.57 22.06 -17.02
C GLN B 9 14.17 22.48 -15.65
N LYS B 10 13.47 23.12 -14.76
CA LYS B 10 14.18 23.37 -13.51
C LYS B 10 13.69 22.36 -12.47
N LEU B 11 12.83 21.40 -12.90
CA LEU B 11 12.36 20.45 -11.91
C LEU B 11 13.46 19.34 -11.87
N PRO B 12 13.49 18.52 -10.82
CA PRO B 12 14.49 17.40 -10.85
C PRO B 12 14.34 16.47 -12.03
N GLU B 13 15.49 16.00 -12.49
CA GLU B 13 15.53 14.97 -13.55
C GLU B 13 14.68 13.82 -13.13
N GLY B 14 13.89 13.36 -14.12
CA GLY B 14 13.06 12.20 -13.89
C GLY B 14 11.63 12.56 -13.47
N SER B 15 11.38 13.81 -13.02
CA SER B 15 10.00 14.10 -12.61
C SER B 15 9.08 14.36 -13.85
N ASN B 16 7.80 14.27 -13.55
CA ASN B 16 6.82 14.55 -14.59
C ASN B 16 5.81 15.56 -14.06
N ALA B 17 5.44 16.53 -14.94
CA ALA B 17 4.45 17.51 -14.52
C ALA B 17 3.23 17.49 -15.47
N GLY B 18 2.06 17.77 -14.90
CA GLY B 18 0.88 18.08 -15.75
C GLY B 18 0.34 19.40 -15.20
N VAL B 19 0.17 20.33 -16.15
CA VAL B 19 -0.24 21.70 -15.72
C VAL B 19 -1.31 22.18 -16.69
N ILE B 20 -2.44 22.71 -16.17
CA ILE B 20 -3.40 23.30 -17.14
C ILE B 20 -3.99 24.52 -16.35
N ALA B 21 -4.32 25.60 -17.05
CA ALA B 21 -4.83 26.81 -16.34
C ALA B 21 -5.78 27.49 -17.33
N LYS B 22 -6.87 28.03 -16.78
CA LYS B 22 -7.84 28.69 -17.68
C LYS B 22 -8.11 30.10 -17.10
N ASN B 23 -8.09 31.11 -17.96
CA ASN B 23 -8.62 32.46 -17.52
C ASN B 23 -10.14 32.38 -17.67
N ILE B 24 -10.81 32.43 -16.51
CA ILE B 24 -12.22 32.15 -16.40
C ILE B 24 -13.00 33.28 -17.12
N ASN B 25 -12.55 34.50 -16.87
CA ASN B 25 -13.26 35.69 -17.51
C ASN B 25 -13.18 35.63 -19.05
N GLN B 26 -12.05 35.23 -19.64
CA GLN B 26 -11.91 35.09 -21.10
C GLN B 26 -12.36 33.75 -21.65
N ASN B 27 -12.67 32.78 -20.76
CA ASN B 27 -12.88 31.37 -21.13
C ASN B 27 -11.78 30.89 -22.07
N GLN B 28 -10.54 31.10 -21.66
CA GLN B 28 -9.40 30.75 -22.53
C GLN B 28 -8.45 29.86 -21.72
N ILE B 29 -8.05 28.71 -22.31
CA ILE B 29 -6.90 27.95 -21.72
C ILE B 29 -5.56 28.70 -22.01
N ILE B 30 -4.76 28.87 -20.96
CA ILE B 30 -3.55 29.69 -21.02
C ILE B 30 -2.26 28.90 -20.71
N ALA B 31 -2.48 27.67 -20.23
CA ALA B 31 -1.40 26.69 -20.09
C ALA B 31 -2.02 25.33 -20.24
N ASP B 32 -1.31 24.41 -20.88
CA ASP B 32 -1.90 23.11 -21.15
C ASP B 32 -0.72 22.15 -21.46
N TYR B 33 -0.17 21.43 -20.46
CA TYR B 33 1.03 20.64 -20.64
C TYR B 33 0.66 19.32 -19.97
N ASN B 34 0.67 18.21 -20.76
CA ASN B 34 0.19 16.90 -20.24
C ASN B 34 -1.09 17.05 -19.50
N GLY B 35 -2.03 17.88 -20.06
CA GLY B 35 -3.25 18.00 -19.27
C GLY B 35 -4.22 16.91 -19.33
N SER B 36 -4.01 15.88 -20.22
CA SER B 36 -4.89 14.77 -20.23
C SER B 36 -4.23 13.51 -19.57
N THR B 37 -3.04 13.71 -19.04
CA THR B 37 -2.29 12.51 -18.48
C THR B 37 -2.85 12.20 -17.09
N PHE B 38 -3.26 10.94 -16.80
CA PHE B 38 -3.61 10.55 -15.42
C PHE B 38 -2.42 10.63 -14.52
N MET B 39 -2.59 11.30 -13.36
CA MET B 39 -1.50 11.40 -12.35
C MET B 39 -2.07 11.19 -11.01
N LEU B 40 -1.13 11.06 -10.04
CA LEU B 40 -1.56 10.96 -8.69
C LEU B 40 -2.00 12.38 -8.13
N PRO B 41 -3.25 12.48 -7.64
CA PRO B 41 -3.72 13.87 -7.25
C PRO B 41 -3.36 14.13 -5.81
N ALA B 42 -3.07 13.09 -5.04
CA ALA B 42 -2.78 13.32 -3.58
C ALA B 42 -4.00 14.14 -3.02
N SER B 43 -3.72 15.00 -2.02
CA SER B 43 -4.82 15.67 -1.31
C SER B 43 -5.60 16.64 -2.18
N THR B 44 -5.17 16.92 -3.41
CA THR B 44 -6.10 17.74 -4.27
C THR B 44 -7.34 16.96 -4.58
N GLN B 45 -7.35 15.61 -4.44
CA GLN B 45 -8.56 14.84 -4.54
C GLN B 45 -9.73 15.33 -3.63
N LYS B 46 -9.35 15.92 -2.46
CA LYS B 46 -10.35 16.36 -1.50
C LYS B 46 -11.23 17.46 -2.14
N VAL B 47 -10.80 18.08 -3.19
CA VAL B 47 -11.78 19.05 -3.89
C VAL B 47 -13.04 18.34 -4.41
N PHE B 48 -12.89 17.09 -4.98
CA PHE B 48 -14.01 16.38 -5.43
C PHE B 48 -14.93 16.13 -4.25
N THR B 49 -14.38 15.65 -3.11
CA THR B 49 -15.18 15.30 -1.97
C THR B 49 -15.94 16.54 -1.42
N ALA B 50 -15.23 17.69 -1.46
CA ALA B 50 -15.85 18.95 -0.95
C ALA B 50 -17.11 19.21 -1.79
N VAL B 51 -16.98 19.12 -3.12
CA VAL B 51 -18.14 19.48 -3.97
C VAL B 51 -19.25 18.48 -3.80
N ALA B 52 -18.91 17.18 -3.78
CA ALA B 52 -19.93 16.21 -3.57
C ALA B 52 -20.67 16.32 -2.22
N ALA B 53 -19.92 16.58 -1.15
CA ALA B 53 -20.51 16.72 0.15
C ALA B 53 -21.48 17.97 0.15
N LYS B 54 -21.03 19.07 -0.41
CA LYS B 54 -21.98 20.26 -0.51
C LYS B 54 -23.23 19.88 -1.21
N LEU B 55 -23.13 19.12 -2.31
CA LEU B 55 -24.28 18.83 -3.05
C LEU B 55 -25.21 17.79 -2.43
N ALA B 56 -24.65 16.74 -1.82
CA ALA B 56 -25.44 15.62 -1.36
C ALA B 56 -25.78 15.71 0.14
N LEU B 57 -24.96 16.36 0.95
CA LEU B 57 -25.24 16.42 2.39
C LEU B 57 -25.79 17.82 2.72
N GLY B 58 -25.23 18.85 2.13
CA GLY B 58 -25.72 20.28 2.34
C GLY B 58 -25.17 20.89 3.59
N ASP B 59 -25.36 22.22 3.75
CA ASP B 59 -24.71 22.91 4.80
C ASP B 59 -25.24 22.62 6.22
N GLN B 60 -26.39 22.00 6.36
CA GLN B 60 -26.90 21.73 7.71
C GLN B 60 -26.49 20.32 8.17
N PHE B 61 -25.80 19.55 7.32
CA PHE B 61 -25.39 18.19 7.73
C PHE B 61 -24.40 18.27 8.93
N GLN B 62 -24.69 17.33 9.86
CA GLN B 62 -23.77 17.11 11.02
C GLN B 62 -23.68 15.65 11.27
N PHE B 63 -22.53 15.17 11.77
CA PHE B 63 -22.41 13.77 12.18
C PHE B 63 -23.04 13.60 13.57
N GLU B 64 -23.76 12.50 13.80
CA GLU B 64 -24.50 12.21 15.06
C GLU B 64 -23.75 11.11 15.79
N THR B 65 -23.51 11.29 17.06
CA THR B 65 -23.04 10.15 17.91
C THR B 65 -24.15 10.07 19.00
N ALA B 66 -24.69 8.89 19.18
CA ALA B 66 -25.95 8.82 20.01
C ALA B 66 -25.92 7.70 21.01
N LEU B 67 -26.70 7.81 22.11
CA LEU B 67 -26.89 6.72 23.07
C LEU B 67 -28.34 6.32 23.01
N LEU B 68 -28.58 5.05 22.90
CA LEU B 68 -29.92 4.46 22.78
C LEU B 68 -30.02 3.26 23.73
N SER B 69 -31.27 2.90 24.03
CA SER B 69 -31.49 1.63 24.68
C SER B 69 -32.91 1.13 24.40
N ASN B 70 -33.10 -0.18 24.46
CA ASN B 70 -34.47 -0.72 24.65
C ASN B 70 -34.82 -1.07 26.08
N GLY B 71 -34.02 -0.69 27.04
CA GLY B 71 -34.40 -1.10 28.40
C GLY B 71 -35.26 -0.02 28.99
N LYS B 72 -36.00 -0.31 30.05
CA LYS B 72 -36.60 0.82 30.74
C LYS B 72 -35.70 1.31 31.89
N ILE B 73 -35.66 2.61 32.10
CA ILE B 73 -34.99 3.16 33.27
C ILE B 73 -35.94 2.97 34.46
N GLN B 74 -35.42 2.53 35.59
CA GLN B 74 -36.29 2.07 36.69
C GLN B 74 -35.51 2.00 38.00
N ASN B 75 -35.88 2.84 38.95
CA ASN B 75 -35.04 3.04 40.14
C ASN B 75 -33.53 3.19 39.83
N GLY B 76 -33.24 4.04 38.87
CA GLY B 76 -31.86 4.40 38.59
C GLY B 76 -31.02 3.40 37.83
N ASN B 77 -31.58 2.25 37.49
CA ASN B 77 -30.93 1.30 36.59
C ASN B 77 -31.51 1.38 35.18
N LEU B 78 -30.66 1.25 34.17
CA LEU B 78 -31.12 1.05 32.81
C LEU B 78 -31.26 -0.44 32.60
N ASP B 79 -32.47 -0.95 32.51
CA ASP B 79 -32.59 -2.40 32.52
C ASP B 79 -32.58 -2.91 31.12
N GLY B 80 -31.40 -2.80 30.53
CA GLY B 80 -31.14 -3.27 29.18
C GLY B 80 -29.74 -2.81 28.77
N ASN B 81 -29.48 -2.87 27.48
CA ASN B 81 -28.13 -2.55 26.95
C ASN B 81 -28.01 -1.11 26.69
N LEU B 82 -26.76 -0.66 26.65
CA LEU B 82 -26.53 0.70 26.24
C LEU B 82 -25.97 0.57 24.82
N ILE B 83 -26.66 1.21 23.87
CA ILE B 83 -26.17 1.26 22.45
C ILE B 83 -25.49 2.58 22.23
N VAL B 84 -24.22 2.58 21.68
CA VAL B 84 -23.57 3.84 21.36
C VAL B 84 -23.45 3.74 19.82
N SER B 85 -24.10 4.71 19.15
CA SER B 85 -24.12 4.77 17.70
C SER B 85 -23.09 5.77 17.21
N PHE B 86 -22.10 5.27 16.42
CA PHE B 86 -21.06 6.13 15.86
C PHE B 86 -21.28 6.14 14.38
N THR B 87 -21.18 7.33 13.81
CA THR B 87 -21.50 7.51 12.35
C THR B 87 -20.37 8.11 11.58
N GLY B 88 -19.15 8.08 12.10
CA GLY B 88 -17.99 8.59 11.39
C GLY B 88 -17.57 10.01 11.69
N ASP B 89 -18.13 10.62 12.75
CA ASP B 89 -17.69 11.96 13.09
C ASP B 89 -16.18 12.03 13.20
N PRO B 90 -15.51 12.79 12.32
CA PRO B 90 -14.07 12.87 12.32
C PRO B 90 -13.49 13.93 13.26
N ASP B 91 -14.38 14.57 14.03
CA ASP B 91 -13.98 15.68 14.89
C ASP B 91 -14.56 15.41 16.27
N LEU B 92 -14.79 14.15 16.65
CA LEU B 92 -15.29 13.83 18.03
C LEU B 92 -14.16 13.75 19.00
N THR B 93 -14.19 14.50 20.08
CA THR B 93 -13.12 14.45 21.09
C THR B 93 -13.57 13.55 22.21
N ARG B 94 -12.58 13.09 22.98
CA ARG B 94 -12.87 12.23 24.12
C ARG B 94 -13.75 13.00 25.13
N GLY B 95 -13.50 14.32 25.26
CA GLY B 95 -14.38 15.19 26.12
C GLY B 95 -15.83 15.26 25.68
N GLN B 96 -16.05 15.34 24.36
CA GLN B 96 -17.40 15.28 23.86
C GLN B 96 -18.07 14.01 24.12
N LEU B 97 -17.31 12.85 24.00
CA LEU B 97 -17.90 11.60 24.29
C LEU B 97 -18.30 11.48 25.80
N TYR B 98 -17.43 12.03 26.59
CA TYR B 98 -17.62 11.98 28.06
C TYR B 98 -18.89 12.79 28.33
N SER B 99 -18.98 13.99 27.76
CA SER B 99 -20.19 14.84 28.01
C SER B 99 -21.46 14.15 27.52
N LEU B 100 -21.40 13.42 26.39
CA LEU B 100 -22.48 12.59 25.98
C LEU B 100 -22.91 11.56 27.00
N LEU B 101 -21.94 10.76 27.51
CA LEU B 101 -22.21 9.73 28.46
C LEU B 101 -22.76 10.37 29.79
N ALA B 102 -22.35 11.57 30.08
CA ALA B 102 -22.78 12.28 31.31
C ALA B 102 -24.27 12.60 31.23
N GLU B 103 -24.84 12.61 30.02
CA GLU B 103 -26.31 12.73 29.89
C GLU B 103 -27.06 11.62 30.55
N LEU B 104 -26.49 10.39 30.60
CA LEU B 104 -27.14 9.30 31.27
C LEU B 104 -27.25 9.61 32.78
N LYS B 105 -26.23 10.27 33.29
CA LYS B 105 -26.13 10.54 34.73
C LYS B 105 -27.17 11.63 35.01
N LYS B 106 -27.34 12.56 34.07
CA LYS B 106 -28.30 13.62 34.29
C LYS B 106 -29.68 13.04 34.36
N GLN B 107 -29.93 11.98 33.63
CA GLN B 107 -31.19 11.26 33.59
C GLN B 107 -31.33 10.29 34.75
N GLY B 108 -30.49 10.40 35.76
CA GLY B 108 -30.65 9.41 36.86
C GLY B 108 -30.23 7.94 36.68
N ILE B 109 -29.54 7.61 35.56
CA ILE B 109 -29.02 6.23 35.42
C ILE B 109 -27.73 6.12 36.22
N LYS B 110 -27.75 5.19 37.19
CA LYS B 110 -26.62 4.99 38.11
C LYS B 110 -26.00 3.67 37.73
N LYS B 111 -26.76 2.90 36.98
CA LYS B 111 -26.26 1.58 36.68
C LYS B 111 -26.85 1.05 35.40
N ILE B 112 -26.04 0.36 34.57
CA ILE B 112 -26.50 -0.21 33.34
C ILE B 112 -26.55 -1.68 33.53
N ASN B 113 -27.69 -2.32 33.32
CA ASN B 113 -27.75 -3.74 33.71
C ASN B 113 -27.22 -4.63 32.63
N GLY B 114 -27.14 -4.12 31.41
CA GLY B 114 -26.88 -5.03 30.33
C GLY B 114 -25.49 -4.86 29.73
N ASP B 115 -25.45 -5.02 28.40
CA ASP B 115 -24.17 -4.98 27.66
C ASP B 115 -23.94 -3.66 27.02
N LEU B 116 -22.74 -3.45 26.50
CA LEU B 116 -22.38 -2.21 25.78
C LEU B 116 -22.38 -2.64 24.33
N VAL B 117 -23.24 -2.04 23.50
CA VAL B 117 -23.34 -2.44 22.10
C VAL B 117 -22.94 -1.26 21.21
N LEU B 118 -22.01 -1.45 20.28
CA LEU B 118 -21.69 -0.33 19.39
C LEU B 118 -22.37 -0.55 18.09
N ASP B 119 -23.02 0.50 17.58
CA ASP B 119 -23.60 0.39 16.25
C ASP B 119 -22.65 1.26 15.35
N THR B 120 -22.05 0.60 14.38
CA THR B 120 -21.10 1.23 13.42
C THR B 120 -21.63 0.96 12.00
N SER B 121 -22.93 0.66 11.89
CA SER B 121 -23.48 0.07 10.66
C SER B 121 -23.53 1.04 9.47
N VAL B 122 -23.30 2.33 9.67
CA VAL B 122 -23.40 3.24 8.49
C VAL B 122 -22.25 3.06 7.50
N PHE B 123 -21.14 2.51 8.02
CA PHE B 123 -19.95 2.20 7.15
C PHE B 123 -19.89 0.70 7.05
N SER B 124 -19.46 0.26 5.86
CA SER B 124 -19.41 -1.14 5.53
C SER B 124 -18.02 -1.50 4.98
N SER B 125 -17.63 -2.80 5.02
CA SER B 125 -16.34 -3.23 4.47
C SER B 125 -15.19 -2.56 5.26
N HIS B 126 -13.98 -2.49 4.67
CA HIS B 126 -12.81 -2.05 5.40
C HIS B 126 -12.90 -0.56 5.63
N ASP B 127 -12.18 -0.12 6.65
CA ASP B 127 -12.11 1.34 6.92
C ASP B 127 -10.87 1.96 6.33
N ARG B 128 -10.21 1.30 5.36
CA ARG B 128 -9.04 1.80 4.63
C ARG B 128 -9.35 1.65 3.19
N GLY B 129 -8.95 2.61 2.36
CA GLY B 129 -9.19 2.56 0.94
C GLY B 129 -8.29 1.52 0.31
N LEU B 130 -8.69 1.01 -0.85
CA LEU B 130 -7.78 0.05 -1.57
C LEU B 130 -6.63 0.90 -2.14
N GLY B 131 -5.42 0.30 -2.19
CA GLY B 131 -4.25 0.99 -2.67
C GLY B 131 -3.53 1.89 -1.73
N TRP B 132 -3.99 1.92 -0.49
CA TRP B 132 -3.18 2.62 0.54
C TRP B 132 -1.94 1.75 0.89
N ILE B 133 -0.82 2.42 1.20
CA ILE B 133 0.40 1.71 1.46
C ILE B 133 0.44 1.16 2.87
N TRP B 134 0.85 -0.11 3.05
CA TRP B 134 0.67 -0.74 4.36
C TRP B 134 1.53 -0.03 5.45
N ASN B 135 2.75 0.40 5.12
CA ASN B 135 3.65 0.81 6.19
C ASN B 135 3.30 2.20 6.73
N ASP B 136 2.40 2.89 6.09
CA ASP B 136 1.96 4.25 6.59
C ASP B 136 0.76 4.03 7.52
N LEU B 137 0.16 2.83 7.58
CA LEU B 137 -1.05 2.69 8.33
C LEU B 137 -0.90 2.91 9.87
N THR B 138 0.34 2.89 10.43
CA THR B 138 0.47 3.19 11.81
C THR B 138 0.72 4.70 12.05
N MET B 139 0.83 5.51 10.99
CA MET B 139 1.05 6.97 11.12
C MET B 139 -0.30 7.64 11.38
N CYS B 140 -0.24 8.64 12.26
CA CYS B 140 -1.41 9.35 12.68
C CYS B 140 -2.12 10.03 11.49
N PHE B 141 -1.38 10.47 10.46
CA PHE B 141 -2.04 11.15 9.35
C PHE B 141 -2.88 10.18 8.57
N ASN B 142 -2.61 8.86 8.69
CA ASN B 142 -3.32 7.81 7.95
C ASN B 142 -4.20 7.01 8.96
N SER B 143 -4.61 7.62 10.06
CA SER B 143 -5.51 6.90 11.00
C SER B 143 -6.85 6.55 10.33
N PRO B 144 -7.53 5.47 10.76
CA PRO B 144 -8.66 4.98 10.01
C PRO B 144 -9.86 5.90 10.13
N PRO B 145 -10.45 6.22 8.98
CA PRO B 145 -11.68 7.11 9.01
C PRO B 145 -12.91 6.21 9.21
N ALA B 146 -12.87 5.59 10.41
CA ALA B 146 -13.86 4.59 10.81
C ALA B 146 -15.09 5.23 11.40
N ALA B 147 -16.13 4.39 11.57
CA ALA B 147 -17.31 4.91 12.25
C ALA B 147 -17.02 5.50 13.63
N ALA B 148 -16.23 4.75 14.41
CA ALA B 148 -15.83 5.28 15.71
C ALA B 148 -14.54 5.96 15.54
N ASN B 149 -14.51 7.20 15.89
CA ASN B 149 -13.31 7.97 15.78
C ASN B 149 -13.25 8.91 16.95
N ILE B 150 -12.25 8.70 17.82
CA ILE B 150 -12.13 9.54 19.02
C ILE B 150 -10.78 10.19 19.02
N ASP B 151 -10.65 11.52 19.24
CA ASP B 151 -9.42 12.26 19.17
C ASP B 151 -8.59 11.82 17.92
N ASN B 152 -9.27 11.85 16.75
CA ASN B 152 -8.65 11.64 15.43
C ASN B 152 -8.07 10.23 15.32
N ASN B 153 -8.56 9.31 16.17
CA ASN B 153 -7.96 7.92 16.16
C ASN B 153 -6.49 7.90 16.21
N CYS B 154 -5.86 8.78 17.01
CA CYS B 154 -4.43 8.93 17.15
C CYS B 154 -4.11 8.83 18.68
N PHE B 155 -2.97 8.26 19.00
CA PHE B 155 -2.43 8.41 20.39
C PHE B 155 -0.96 8.64 20.31
N TYR B 156 -0.27 8.74 21.45
CA TYR B 156 1.17 8.89 21.36
C TYR B 156 1.82 8.10 22.49
N ALA B 157 3.10 7.79 22.30
CA ALA B 157 3.88 7.12 23.34
C ALA B 157 4.98 8.10 23.72
N GLU B 158 5.44 7.90 24.96
CA GLU B 158 6.56 8.73 25.53
C GLU B 158 7.86 7.98 25.37
N LEU B 159 8.86 8.56 24.71
CA LEU B 159 10.15 7.92 24.51
C LEU B 159 11.30 8.64 25.20
N ASP B 160 12.18 7.83 25.76
CA ASP B 160 13.39 8.43 26.35
C ASP B 160 14.53 7.75 25.71
N ALA B 161 15.15 8.37 24.68
CA ALA B 161 16.26 7.81 24.01
C ALA B 161 17.57 8.48 24.42
N ASN B 162 17.51 9.08 25.61
CA ASN B 162 18.78 9.63 26.14
C ASN B 162 19.62 8.58 26.79
N LYS B 163 20.22 7.71 26.00
CA LYS B 163 20.98 6.55 26.46
C LYS B 163 22.21 6.35 25.61
N ASN B 164 23.16 5.56 26.11
CA ASN B 164 24.34 5.24 25.31
C ASN B 164 23.99 4.24 24.21
N PRO B 165 24.76 4.26 23.12
CA PRO B 165 24.53 3.35 22.02
C PRO B 165 24.52 1.99 22.59
N GLY B 166 23.55 1.14 22.16
CA GLY B 166 23.48 -0.24 22.59
C GLY B 166 22.41 -0.45 23.67
N GLU B 167 22.05 0.63 24.34
CA GLU B 167 21.13 0.56 25.49
C GLU B 167 19.70 0.65 24.89
N ILE B 168 18.73 0.25 25.68
CA ILE B 168 17.34 0.21 25.20
C ILE B 168 16.59 1.55 25.45
N VAL B 169 15.94 2.12 24.43
CA VAL B 169 15.09 3.23 24.62
C VAL B 169 13.86 2.93 25.52
N LYS B 170 13.56 3.85 26.41
CA LYS B 170 12.40 3.65 27.26
C LYS B 170 11.12 4.14 26.56
N ILE B 171 10.13 3.28 26.42
CA ILE B 171 8.90 3.64 25.63
C ILE B 171 7.65 3.33 26.39
N ASN B 172 7.01 4.37 26.95
CA ASN B 172 5.82 4.16 27.70
C ASN B 172 4.56 4.75 27.16
N VAL B 173 3.49 4.02 27.31
CA VAL B 173 2.23 4.53 26.85
C VAL B 173 1.60 5.29 28.03
N PRO B 174 1.20 6.54 27.80
CA PRO B 174 0.49 7.33 28.80
C PRO B 174 -0.81 6.71 29.29
N ALA B 175 -1.18 7.02 30.57
CA ALA B 175 -2.32 6.34 31.15
C ALA B 175 -3.65 6.41 30.47
N GLN B 176 -3.87 7.49 29.73
CA GLN B 176 -5.15 7.73 29.10
C GLN B 176 -5.35 6.78 27.92
N PHE B 177 -4.32 6.05 27.44
CA PHE B 177 -4.58 5.30 26.21
C PHE B 177 -4.64 3.77 26.41
N PRO B 178 -5.68 3.11 25.88
CA PRO B 178 -5.84 1.62 26.08
C PRO B 178 -5.12 0.86 24.97
N ILE B 179 -3.82 1.02 25.07
CA ILE B 179 -2.90 0.54 23.98
C ILE B 179 -1.73 -0.17 24.65
N GLN B 180 -1.11 -1.15 23.97
CA GLN B 180 0.16 -1.67 24.39
C GLN B 180 1.23 -1.39 23.34
N VAL B 181 2.42 -0.98 23.76
CA VAL B 181 3.57 -0.96 22.85
C VAL B 181 4.54 -2.00 23.42
N PHE B 182 4.96 -2.95 22.65
CA PHE B 182 5.84 -4.00 23.20
C PHE B 182 7.02 -4.15 22.19
N GLY B 183 8.06 -4.87 22.64
CA GLY B 183 9.26 -5.00 21.76
C GLY B 183 10.32 -4.03 22.32
N GLN B 184 11.44 -3.94 21.63
CA GLN B 184 12.56 -3.15 22.16
C GLN B 184 13.21 -2.36 21.02
N VAL B 185 13.58 -1.11 21.33
CA VAL B 185 14.27 -0.27 20.31
C VAL B 185 15.58 0.12 21.02
N TYR B 186 16.72 -0.03 20.32
CA TYR B 186 18.04 0.29 20.91
C TYR B 186 18.58 1.56 20.29
N VAL B 187 19.43 2.29 21.05
CA VAL B 187 20.02 3.52 20.60
C VAL B 187 21.27 3.11 19.76
N ALA B 188 21.35 3.69 18.56
CA ALA B 188 22.36 3.42 17.56
C ALA B 188 23.43 4.52 17.74
N ASP B 189 24.71 4.19 17.59
CA ASP B 189 25.71 5.32 17.44
C ASP B 189 25.56 6.14 16.14
N SER B 190 26.24 7.29 16.11
CA SER B 190 26.44 8.13 14.92
C SER B 190 26.75 7.41 13.59
N ASN B 191 27.47 6.26 13.61
CA ASN B 191 27.78 5.46 12.41
C ASN B 191 26.72 4.47 11.93
N GLU B 192 25.76 4.16 12.79
CA GLU B 192 24.63 3.36 12.38
C GLU B 192 23.37 4.19 12.34
N ALA B 193 23.36 5.29 13.08
CA ALA B 193 22.24 6.22 13.20
C ALA B 193 21.59 6.68 11.90
N PRO B 194 22.42 6.93 10.85
CA PRO B 194 21.79 7.39 9.59
C PRO B 194 21.06 6.24 8.82
N TYR B 195 21.35 4.98 9.16
CA TYR B 195 20.74 3.72 8.62
C TYR B 195 19.46 3.28 9.40
N CYS B 196 19.27 3.86 10.58
CA CYS B 196 18.25 3.35 11.54
C CYS B 196 16.85 3.35 10.97
N GLN B 197 16.07 2.30 11.29
CA GLN B 197 14.68 2.39 10.98
C GLN B 197 14.01 1.97 12.33
N LEU B 198 12.95 2.64 12.72
CA LEU B 198 12.11 2.17 13.80
C LEU B 198 10.99 1.42 13.08
N ASP B 199 10.79 0.11 13.28
CA ASP B 199 9.75 -0.61 12.67
C ASP B 199 8.58 -0.70 13.65
N VAL B 200 7.38 -0.68 13.08
CA VAL B 200 6.17 -0.84 13.93
C VAL B 200 5.32 -1.89 13.28
N VAL B 201 5.00 -2.94 14.02
CA VAL B 201 4.25 -4.10 13.49
C VAL B 201 2.92 -4.14 14.29
N VAL B 202 1.78 -4.11 13.60
CA VAL B 202 0.49 -4.17 14.29
C VAL B 202 0.11 -5.61 14.63
N HIS B 203 -0.29 -5.83 15.89
CA HIS B 203 -0.98 -7.11 16.25
C HIS B 203 -2.38 -6.77 16.73
N ASP B 204 -3.17 -7.82 16.96
CA ASP B 204 -4.59 -7.61 17.36
C ASP B 204 -4.73 -6.78 18.64
N ASN B 205 -5.89 -6.17 18.71
CA ASN B 205 -6.32 -5.43 19.95
C ASN B 205 -5.39 -4.26 20.35
N ASN B 206 -4.98 -3.50 19.33
CA ASN B 206 -4.14 -2.30 19.56
C ASN B 206 -2.92 -2.61 20.35
N ARG B 207 -2.20 -3.69 19.92
CA ARG B 207 -0.89 -3.94 20.49
C ARG B 207 0.10 -3.68 19.38
N TYR B 208 1.08 -2.86 19.61
CA TYR B 208 2.04 -2.45 18.61
C TYR B 208 3.39 -2.96 19.00
N GLN B 209 4.07 -3.72 18.12
CA GLN B 209 5.41 -4.20 18.36
C GLN B 209 6.39 -3.25 17.73
N VAL B 210 7.36 -2.75 18.50
CA VAL B 210 8.41 -1.88 17.98
C VAL B 210 9.72 -2.68 17.91
N LYS B 211 10.54 -2.32 16.92
CA LYS B 211 11.80 -3.01 16.70
C LYS B 211 12.70 -1.98 16.05
N GLY B 212 14.02 -2.23 16.07
CA GLY B 212 14.84 -1.28 15.35
C GLY B 212 15.61 -0.38 16.31
N CYS B 213 15.98 0.75 15.76
CA CYS B 213 16.84 1.76 16.47
C CYS B 213 16.56 3.18 16.17
N LEU B 214 17.18 4.07 17.00
CA LEU B 214 16.98 5.48 16.95
C LEU B 214 18.35 6.06 17.42
N ALA B 215 18.60 7.26 16.92
CA ALA B 215 19.87 7.92 17.24
C ALA B 215 19.60 8.43 18.67
N ARG B 216 20.64 8.58 19.49
CA ARG B 216 20.37 9.29 20.76
C ARG B 216 19.66 10.64 20.64
N GLN B 217 18.76 10.95 21.55
CA GLN B 217 18.18 12.26 21.70
C GLN B 217 18.17 12.64 23.23
N TYR B 218 18.64 13.84 23.53
CA TYR B 218 18.78 14.18 24.97
C TYR B 218 17.52 14.37 25.65
N LYS B 219 16.56 14.91 24.93
CA LYS B 219 15.38 15.30 25.57
C LYS B 219 14.40 14.14 25.27
N PRO B 220 13.51 13.78 26.21
CA PRO B 220 12.34 12.88 26.05
C PRO B 220 11.34 13.47 25.02
N PHE B 221 10.75 12.62 24.17
CA PHE B 221 9.89 13.17 23.12
C PHE B 221 8.73 12.20 22.95
N GLY B 222 7.70 12.60 22.22
CA GLY B 222 6.49 11.77 22.05
C GLY B 222 6.48 11.35 20.58
N LEU B 223 6.00 10.12 20.31
CA LEU B 223 5.80 9.72 18.89
C LEU B 223 4.35 9.37 18.77
N SER B 224 3.70 9.85 17.70
CA SER B 224 2.24 9.61 17.53
C SER B 224 1.99 8.39 16.64
N PHE B 225 0.89 7.68 16.90
CA PHE B 225 0.50 6.51 16.11
C PHE B 225 -0.93 6.51 15.83
N ALA B 226 -1.36 5.87 14.76
CA ALA B 226 -2.70 5.58 14.56
C ALA B 226 -3.32 4.41 15.31
N VAL B 227 -4.51 4.64 15.89
CA VAL B 227 -5.26 3.52 16.47
C VAL B 227 -5.69 2.53 15.33
N GLN B 228 -5.50 1.23 15.58
CA GLN B 228 -5.86 0.26 14.54
C GLN B 228 -7.24 -0.33 14.66
N ASN B 229 -7.59 -0.82 15.85
CA ASN B 229 -8.90 -1.39 16.07
C ASN B 229 -9.77 -0.32 16.75
N THR B 230 -10.52 0.40 15.92
CA THR B 230 -11.26 1.56 16.44
C THR B 230 -12.46 1.20 17.31
N ASP B 231 -13.08 0.06 17.05
CA ASP B 231 -14.20 -0.40 17.89
C ASP B 231 -13.63 -0.80 19.28
N ALA B 232 -12.55 -1.57 19.36
CA ALA B 232 -12.00 -1.91 20.67
C ALA B 232 -11.54 -0.65 21.43
N TYR B 233 -10.93 0.33 20.75
CA TYR B 233 -10.44 1.52 21.43
C TYR B 233 -11.67 2.30 21.96
N ALA B 234 -12.69 2.48 21.14
CA ALA B 234 -13.87 3.23 21.63
C ALA B 234 -14.57 2.50 22.79
N ALA B 235 -14.70 1.20 22.72
CA ALA B 235 -15.36 0.45 23.78
C ALA B 235 -14.55 0.59 25.08
N ALA B 236 -13.24 0.57 25.00
CA ALA B 236 -12.34 0.71 26.19
C ALA B 236 -12.53 2.13 26.77
N ILE B 237 -12.54 3.17 25.94
CA ILE B 237 -12.71 4.51 26.45
C ILE B 237 -14.10 4.65 27.08
N ILE B 238 -15.13 4.17 26.40
CA ILE B 238 -16.52 4.24 26.98
C ILE B 238 -16.55 3.62 28.39
N GLN B 239 -15.97 2.45 28.55
CA GLN B 239 -16.00 1.85 29.90
C GLN B 239 -15.16 2.65 30.92
N ARG B 240 -14.02 3.23 30.57
CA ARG B 240 -13.26 4.13 31.47
C ARG B 240 -14.14 5.30 31.88
N GLN B 241 -14.91 5.79 30.92
CA GLN B 241 -15.71 6.99 31.18
C GLN B 241 -16.91 6.64 32.06
N LEU B 242 -17.55 5.49 31.87
CA LEU B 242 -18.70 5.15 32.70
C LEU B 242 -18.19 5.07 34.16
N ARG B 243 -16.98 4.52 34.33
CA ARG B 243 -16.40 4.45 35.69
C ARG B 243 -16.19 5.81 36.28
N LYS B 244 -15.57 6.71 35.53
CA LYS B 244 -15.35 8.05 36.01
C LYS B 244 -16.70 8.71 36.37
N LEU B 245 -17.75 8.40 35.62
CA LEU B 245 -19.10 9.04 35.87
C LEU B 245 -19.82 8.39 37.04
N GLY B 246 -19.26 7.32 37.59
CA GLY B 246 -19.97 6.50 38.56
C GLY B 246 -21.13 5.70 38.08
N ILE B 247 -21.22 5.43 36.76
CA ILE B 247 -22.27 4.56 36.30
C ILE B 247 -21.76 3.17 36.28
N GLU B 248 -22.33 2.35 37.13
CA GLU B 248 -21.92 0.98 37.25
C GLU B 248 -22.19 0.19 36.00
N PHE B 249 -21.18 -0.56 35.54
CA PHE B 249 -21.36 -1.31 34.30
C PHE B 249 -20.54 -2.54 34.43
N ASN B 250 -21.15 -3.68 34.17
CA ASN B 250 -20.44 -4.94 34.33
C ASN B 250 -20.67 -5.89 33.19
N GLY B 251 -20.96 -5.41 31.99
CA GLY B 251 -21.34 -6.32 30.92
C GLY B 251 -20.25 -6.51 29.88
N LYS B 252 -20.62 -7.15 28.78
CA LYS B 252 -19.70 -7.42 27.69
C LYS B 252 -19.80 -6.28 26.67
N VAL B 253 -18.82 -6.26 25.76
CA VAL B 253 -18.82 -5.42 24.54
C VAL B 253 -19.30 -6.27 23.39
N LEU B 254 -20.36 -5.80 22.74
CA LEU B 254 -20.94 -6.46 21.55
C LEU B 254 -20.76 -5.54 20.32
N LEU B 255 -20.41 -6.17 19.19
CA LEU B 255 -20.10 -5.43 17.95
C LEU B 255 -20.87 -6.01 16.80
N PRO B 256 -22.19 -5.82 16.80
CA PRO B 256 -22.97 -6.32 15.70
C PRO B 256 -22.76 -5.53 14.44
N GLN B 257 -23.12 -6.10 13.32
CA GLN B 257 -22.94 -5.41 12.06
C GLN B 257 -24.14 -4.60 11.61
N LYS B 258 -25.33 -4.92 12.10
CA LYS B 258 -26.52 -4.23 11.63
C LYS B 258 -26.85 -3.05 12.49
N PRO B 259 -27.74 -2.19 12.00
CA PRO B 259 -28.26 -1.05 12.75
C PRO B 259 -28.96 -1.59 13.98
N GLN B 260 -28.81 -0.91 15.10
CA GLN B 260 -29.38 -1.34 16.36
C GLN B 260 -30.51 -0.41 16.70
N GLN B 261 -31.72 -0.96 16.77
CA GLN B 261 -32.91 -0.11 17.02
C GLN B 261 -33.04 0.15 18.50
N GLY B 262 -33.46 1.33 18.87
CA GLY B 262 -33.72 1.51 20.29
C GLY B 262 -34.24 2.87 20.57
N GLN B 263 -34.58 3.13 21.81
CA GLN B 263 -35.07 4.42 22.11
C GLN B 263 -33.89 5.35 22.34
N LEU B 264 -33.98 6.53 21.75
CA LEU B 264 -32.97 7.57 21.89
C LEU B 264 -32.85 8.14 23.31
N LEU B 265 -31.67 8.04 23.95
CA LEU B 265 -31.40 8.66 25.22
C LEU B 265 -30.72 10.01 25.16
N ALA B 266 -29.73 10.17 24.25
CA ALA B 266 -29.05 11.40 24.17
C ALA B 266 -28.26 11.36 22.82
N LYS B 267 -27.91 12.54 22.36
CA LYS B 267 -27.15 12.63 21.07
C LYS B 267 -26.23 13.77 21.11
N HIS B 268 -25.08 13.71 20.42
CA HIS B 268 -24.13 14.77 20.29
C HIS B 268 -24.03 15.00 18.78
N LEU B 269 -24.04 16.25 18.36
CA LEU B 269 -23.97 16.54 16.89
C LEU B 269 -22.70 17.23 16.64
N SER B 270 -22.02 16.85 15.53
CA SER B 270 -20.78 17.55 15.22
C SER B 270 -20.99 19.05 14.72
N LYS B 271 -19.91 19.79 14.58
CA LYS B 271 -20.03 21.04 13.83
C LYS B 271 -20.55 20.75 12.44
N PRO B 272 -21.27 21.71 11.86
CA PRO B 272 -21.94 21.38 10.56
C PRO B 272 -20.96 21.39 9.38
N LEU B 273 -21.45 20.84 8.25
CA LEU B 273 -20.57 20.67 7.11
C LEU B 273 -19.62 21.78 6.76
N PRO B 274 -20.01 23.05 6.72
CA PRO B 274 -18.99 24.08 6.30
C PRO B 274 -17.73 24.17 7.16
N ASP B 275 -17.88 23.94 8.48
CA ASP B 275 -16.78 23.92 9.38
C ASP B 275 -15.86 22.71 9.08
N LEU B 276 -16.51 21.56 8.87
CA LEU B 276 -15.73 20.32 8.60
C LEU B 276 -15.00 20.48 7.28
N LEU B 277 -15.72 21.02 6.28
CA LEU B 277 -15.01 21.25 4.97
C LEU B 277 -13.87 22.19 5.07
N LYS B 278 -14.06 23.31 5.84
CA LYS B 278 -12.98 24.24 5.95
C LYS B 278 -11.74 23.65 6.57
N LYS B 279 -11.92 22.85 7.62
CA LYS B 279 -10.76 22.26 8.22
C LYS B 279 -10.17 21.25 7.27
N MET B 280 -11.02 20.50 6.60
CA MET B 280 -10.50 19.48 5.61
C MET B 280 -9.61 20.13 4.60
N MET B 281 -10.12 21.22 3.97
CA MET B 281 -9.42 21.87 2.88
C MET B 281 -8.17 22.71 3.33
N LYS B 282 -8.30 23.43 4.47
CA LYS B 282 -7.20 24.23 4.92
C LYS B 282 -6.02 23.43 5.38
N LYS B 283 -6.32 22.39 6.14
CA LYS B 283 -5.34 21.62 6.89
C LYS B 283 -5.01 20.27 6.26
N SER B 284 -5.79 19.93 5.23
CA SER B 284 -5.63 18.65 4.50
C SER B 284 -5.85 17.44 5.39
N ASP B 285 -7.02 17.42 5.96
CA ASP B 285 -7.47 16.40 6.90
C ASP B 285 -7.98 15.16 6.19
N ASN B 286 -7.14 14.06 6.22
CA ASN B 286 -7.60 12.84 5.53
C ASN B 286 -8.81 12.21 6.10
N GLN B 287 -8.90 12.19 7.47
CA GLN B 287 -10.03 11.56 8.08
C GLN B 287 -11.36 12.26 7.79
N ILE B 288 -11.30 13.58 7.82
CA ILE B 288 -12.57 14.31 7.45
C ILE B 288 -12.99 13.97 5.96
N ALA B 289 -12.00 13.97 5.10
CA ALA B 289 -12.28 13.63 3.74
C ALA B 289 -12.88 12.26 3.54
N ASP B 290 -12.23 11.25 4.13
CA ASP B 290 -12.75 9.91 3.89
C ASP B 290 -14.09 9.61 4.65
N SER B 291 -14.31 10.23 5.83
CA SER B 291 -15.58 10.17 6.49
C SER B 291 -16.70 10.78 5.68
N LEU B 292 -16.46 11.99 5.17
CA LEU B 292 -17.48 12.61 4.28
C LEU B 292 -17.68 11.76 3.06
N PHE B 293 -16.58 11.23 2.49
CA PHE B 293 -16.70 10.43 1.25
C PHE B 293 -17.72 9.30 1.49
N ARG B 294 -17.64 8.60 2.61
CA ARG B 294 -18.60 7.51 2.85
C ARG B 294 -19.94 8.00 3.41
N ALA B 295 -19.93 9.15 4.10
CA ALA B 295 -21.22 9.69 4.54
C ALA B 295 -22.03 10.18 3.35
N VAL B 296 -21.37 10.71 2.34
CA VAL B 296 -22.03 11.02 1.09
C VAL B 296 -22.73 9.78 0.53
N ALA B 297 -21.97 8.68 0.35
CA ALA B 297 -22.67 7.49 -0.13
C ALA B 297 -23.78 7.00 0.76
N PHE B 298 -23.59 7.01 2.09
CA PHE B 298 -24.63 6.44 2.94
C PHE B 298 -25.93 7.20 2.75
N ASN B 299 -25.82 8.53 2.65
CA ASN B 299 -27.00 9.39 2.52
C ASN B 299 -27.59 9.36 1.12
N TYR B 300 -26.73 9.21 0.14
CA TYR B 300 -27.14 9.28 -1.21
C TYR B 300 -27.85 7.97 -1.63
N TYR B 301 -27.32 6.81 -1.21
CA TYR B 301 -27.83 5.52 -1.60
C TYR B 301 -28.70 4.85 -0.52
N LYS B 302 -28.71 5.42 0.69
CA LYS B 302 -29.55 4.89 1.82
C LYS B 302 -29.15 3.47 2.11
N ARG B 303 -27.85 3.23 2.16
CA ARG B 303 -27.35 1.90 2.51
C ARG B 303 -25.95 2.04 3.11
N PRO B 304 -25.48 1.06 3.90
CA PRO B 304 -24.13 1.14 4.49
C PRO B 304 -23.07 1.32 3.39
N ALA B 305 -22.11 2.18 3.68
CA ALA B 305 -21.19 2.61 2.66
C ALA B 305 -19.80 2.04 2.81
N SER B 306 -19.29 1.40 1.73
CA SER B 306 -17.87 1.03 1.65
C SER B 306 -17.18 2.13 0.85
N PHE B 307 -15.84 2.06 0.77
CA PHE B 307 -15.11 3.01 -0.11
C PHE B 307 -15.58 2.86 -1.57
N GLN B 308 -15.96 1.66 -2.00
CA GLN B 308 -16.42 1.50 -3.39
C GLN B 308 -17.72 2.28 -3.64
N LEU B 309 -18.63 2.24 -2.65
CA LEU B 309 -19.88 2.98 -2.80
C LEU B 309 -19.60 4.45 -2.73
N GLY B 310 -18.61 4.86 -1.91
CA GLY B 310 -18.11 6.27 -1.94
C GLY B 310 -17.70 6.74 -3.37
N THR B 311 -16.95 5.90 -4.05
CA THR B 311 -16.52 6.23 -5.40
C THR B 311 -17.79 6.36 -6.31
N LEU B 312 -18.74 5.41 -6.19
CA LEU B 312 -19.87 5.45 -7.09
C LEU B 312 -20.71 6.74 -6.87
N ALA B 313 -20.85 7.12 -5.59
CA ALA B 313 -21.67 8.29 -5.21
C ALA B 313 -20.99 9.55 -5.69
N VAL B 314 -19.69 9.70 -5.42
CA VAL B 314 -19.06 10.96 -5.76
C VAL B 314 -19.08 11.18 -7.31
N LYS B 315 -18.87 10.10 -8.04
CA LYS B 315 -18.92 10.23 -9.50
C LYS B 315 -20.34 10.51 -9.95
N SER B 316 -21.32 9.82 -9.37
CA SER B 316 -22.71 9.99 -9.82
C SER B 316 -23.16 11.45 -9.55
N ILE B 317 -22.81 11.98 -8.37
CA ILE B 317 -23.20 13.37 -7.96
C ILE B 317 -22.55 14.43 -8.86
N LEU B 318 -21.29 14.24 -9.17
CA LEU B 318 -20.52 15.26 -9.94
C LEU B 318 -20.92 15.15 -11.44
N GLN B 319 -21.19 13.93 -11.89
CA GLN B 319 -21.67 13.70 -13.30
C GLN B 319 -22.96 14.44 -13.54
N LYS B 320 -23.86 14.39 -12.57
CA LYS B 320 -25.14 15.10 -12.69
C LYS B 320 -24.97 16.60 -12.88
N GLN B 321 -23.88 17.15 -12.41
CA GLN B 321 -23.53 18.55 -12.60
C GLN B 321 -22.75 18.81 -13.84
N GLY B 322 -22.48 17.77 -14.66
CA GLY B 322 -21.73 17.97 -15.89
C GLY B 322 -20.26 17.61 -15.91
N ILE B 323 -19.73 17.13 -14.77
CA ILE B 323 -18.33 16.75 -14.73
C ILE B 323 -18.17 15.37 -15.38
N ARG B 324 -17.12 15.22 -16.16
CA ARG B 324 -16.88 13.95 -16.90
C ARG B 324 -15.62 13.35 -16.39
N PHE B 325 -15.68 12.07 -16.05
CA PHE B 325 -14.50 11.51 -15.37
C PHE B 325 -13.78 10.53 -16.32
N GLY B 326 -14.43 10.11 -17.42
CA GLY B 326 -13.80 9.04 -18.25
C GLY B 326 -13.48 7.82 -17.37
N ASN B 327 -12.21 7.34 -17.52
CA ASN B 327 -11.80 6.19 -16.78
C ASN B 327 -10.86 6.62 -15.62
N SER B 328 -11.08 7.81 -15.08
CA SER B 328 -10.32 8.19 -13.83
C SER B 328 -10.60 7.21 -12.73
N ILE B 329 -9.61 7.09 -11.81
CA ILE B 329 -9.81 6.22 -10.66
C ILE B 329 -9.80 7.13 -9.43
N LEU B 330 -10.95 7.10 -8.74
CA LEU B 330 -11.12 7.86 -7.48
C LEU B 330 -11.42 6.81 -6.43
N ALA B 331 -10.37 6.29 -5.77
CA ALA B 331 -10.49 5.14 -4.84
C ALA B 331 -10.82 5.62 -3.40
N ASP B 332 -10.71 6.94 -3.17
CA ASP B 332 -11.04 7.43 -1.81
C ASP B 332 -11.35 8.91 -1.96
N GLY B 333 -11.76 9.48 -0.84
CA GLY B 333 -12.01 10.92 -0.76
C GLY B 333 -10.79 11.73 -0.46
N SER B 334 -9.79 11.16 0.21
CA SER B 334 -8.61 11.86 0.67
C SER B 334 -7.49 12.05 -0.33
N GLY B 335 -7.44 11.16 -1.32
CA GLY B 335 -6.24 11.12 -2.20
C GLY B 335 -5.12 10.16 -1.75
N LEU B 336 -5.30 9.42 -0.65
CA LEU B 336 -4.16 8.63 -0.14
C LEU B 336 -3.86 7.45 -1.09
N SER B 337 -4.81 6.88 -1.78
CA SER B 337 -4.54 5.65 -2.51
C SER B 337 -3.55 5.86 -3.65
N ARG B 338 -2.65 4.88 -3.79
CA ARG B 338 -1.71 4.91 -4.88
C ARG B 338 -2.40 4.40 -6.14
N HIS B 339 -3.70 4.02 -6.10
CA HIS B 339 -4.42 3.67 -7.34
C HIS B 339 -5.08 4.86 -7.95
N ASN B 340 -5.15 5.97 -7.21
CA ASN B 340 -5.84 7.13 -7.79
C ASN B 340 -5.21 7.59 -9.10
N LEU B 341 -6.08 8.00 -10.06
CA LEU B 341 -5.58 8.42 -11.38
C LEU B 341 -6.55 9.54 -11.87
N VAL B 342 -6.02 10.75 -11.95
CA VAL B 342 -6.90 11.93 -12.37
C VAL B 342 -5.98 12.74 -13.28
N ALA B 343 -6.56 13.18 -14.43
CA ALA B 343 -5.84 14.13 -15.23
C ALA B 343 -6.08 15.63 -14.80
N PRO B 344 -5.07 16.43 -15.03
CA PRO B 344 -5.21 17.88 -14.69
C PRO B 344 -6.50 18.50 -15.26
N LYS B 345 -6.89 18.22 -16.52
CA LYS B 345 -8.07 18.89 -17.04
C LYS B 345 -9.33 18.48 -16.33
N THR B 346 -9.39 17.28 -15.77
CA THR B 346 -10.59 16.92 -15.00
C THR B 346 -10.72 17.68 -13.70
N MET B 347 -9.57 17.76 -12.99
CA MET B 347 -9.58 18.62 -11.78
C MET B 347 -9.94 20.09 -12.17
N LEU B 348 -9.39 20.58 -13.28
CA LEU B 348 -9.72 21.98 -13.66
C LEU B 348 -11.23 22.08 -13.86
N SER B 349 -11.94 21.10 -14.44
CA SER B 349 -13.34 21.28 -14.74
C SER B 349 -14.09 21.42 -13.37
N VAL B 350 -13.61 20.71 -12.35
CA VAL B 350 -14.25 20.92 -11.04
C VAL B 350 -13.97 22.28 -10.43
N LEU B 351 -12.78 22.80 -10.60
CA LEU B 351 -12.43 24.12 -10.09
C LEU B 351 -13.32 25.10 -10.83
N GLU B 352 -13.55 24.86 -12.13
CA GLU B 352 -14.41 25.85 -12.86
C GLU B 352 -15.84 25.80 -12.31
N TYR B 353 -16.33 24.65 -11.95
CA TYR B 353 -17.65 24.52 -11.36
C TYR B 353 -17.72 25.23 -10.04
N ILE B 354 -16.67 25.11 -9.23
CA ILE B 354 -16.64 25.76 -7.90
C ILE B 354 -16.65 27.30 -8.09
N ALA B 355 -15.87 27.81 -9.05
CA ALA B 355 -15.87 29.28 -9.33
C ALA B 355 -17.28 29.75 -9.83
N LYS B 356 -17.84 29.00 -10.73
CA LYS B 356 -19.14 29.40 -11.36
C LYS B 356 -20.27 29.40 -10.35
N ASN B 357 -20.25 28.51 -9.38
CA ASN B 357 -21.32 28.34 -8.43
C ASN B 357 -20.99 28.82 -7.03
N GLU B 358 -20.03 29.74 -6.93
CA GLU B 358 -19.54 30.22 -5.68
C GLU B 358 -20.68 30.85 -4.86
N ASP B 359 -21.56 31.58 -5.57
CA ASP B 359 -22.65 32.25 -4.80
C ASP B 359 -23.47 31.28 -3.97
N LYS B 360 -23.69 30.06 -4.45
CA LYS B 360 -24.33 29.04 -3.65
C LYS B 360 -23.39 28.16 -2.79
N LEU B 361 -22.28 27.69 -3.36
CA LEU B 361 -21.46 26.69 -2.70
C LEU B 361 -20.56 27.23 -1.62
N HIS B 362 -20.05 28.47 -1.76
CA HIS B 362 -19.12 29.13 -0.82
C HIS B 362 -17.92 28.25 -0.53
N LEU B 363 -17.41 27.56 -1.55
CA LEU B 363 -16.19 26.77 -1.28
C LEU B 363 -14.91 27.56 -1.45
N MET B 364 -14.93 28.72 -2.12
CA MET B 364 -13.66 29.44 -2.33
C MET B 364 -12.95 29.74 -1.02
N GLU B 365 -13.75 30.09 0.03
CA GLU B 365 -13.08 30.46 1.30
C GLU B 365 -12.48 29.25 2.05
N THR B 366 -12.66 28.01 1.51
CA THR B 366 -12.04 26.84 2.19
C THR B 366 -10.59 26.64 1.74
N PHE B 367 -10.18 27.25 0.61
CA PHE B 367 -8.82 27.04 0.07
C PHE B 367 -7.80 27.72 0.93
N PRO B 368 -6.69 27.05 1.22
CA PRO B 368 -5.52 27.72 1.81
C PRO B 368 -5.08 28.93 0.99
N ILE B 369 -4.56 29.98 1.68
CA ILE B 369 -4.30 31.21 0.99
C ILE B 369 -2.81 31.50 1.17
N ALA B 370 -2.09 31.69 0.08
CA ALA B 370 -0.62 31.82 0.05
C ALA B 370 -0.05 32.89 1.06
N GLY B 371 0.88 32.43 1.88
CA GLY B 371 1.60 33.29 2.84
C GLY B 371 0.58 33.67 3.95
N VAL B 372 -0.58 33.04 4.04
CA VAL B 372 -1.60 33.43 5.07
C VAL B 372 -2.06 32.26 5.92
N ASP B 373 -2.56 31.14 5.33
CA ASP B 373 -3.16 30.14 6.21
C ASP B 373 -3.09 28.79 5.47
N GLY B 374 -3.49 27.77 6.18
CA GLY B 374 -3.55 26.38 5.64
C GLY B 374 -2.16 25.91 5.34
N THR B 375 -2.09 24.94 4.43
CA THR B 375 -0.87 24.31 4.15
C THR B 375 -0.01 25.06 3.13
N ILE B 376 -0.37 26.31 2.76
CA ILE B 376 0.52 27.09 1.93
C ILE B 376 0.87 28.43 2.65
N SER B 377 0.70 28.47 3.96
CA SER B 377 1.01 29.73 4.70
C SER B 377 2.50 30.08 4.55
N GLY B 378 3.36 29.11 4.25
CA GLY B 378 4.76 29.43 4.12
C GLY B 378 5.35 28.85 2.85
N ARG B 379 4.53 28.57 1.86
CA ARG B 379 5.03 27.87 0.65
C ARG B 379 6.00 28.77 -0.11
N GLY B 380 7.22 28.32 -0.34
CA GLY B 380 8.30 29.16 -0.78
C GLY B 380 8.10 29.89 -2.07
N GLY B 381 7.57 29.19 -3.09
CA GLY B 381 7.38 29.84 -4.38
C GLY B 381 6.26 30.90 -4.40
N LEU B 382 5.48 30.93 -3.33
CA LEU B 382 4.22 31.72 -3.32
C LEU B 382 4.31 32.91 -2.34
N ILE B 383 5.40 33.08 -1.61
CA ILE B 383 5.27 33.98 -0.39
C ILE B 383 5.63 35.44 -0.74
N SER B 384 5.92 35.74 -1.99
CA SER B 384 6.14 37.14 -2.42
C SER B 384 5.07 37.70 -3.38
N PRO B 385 4.95 39.05 -3.42
CA PRO B 385 4.10 39.62 -4.43
C PRO B 385 4.62 39.22 -5.83
N PRO B 386 3.72 39.13 -6.78
CA PRO B 386 2.25 39.38 -6.67
C PRO B 386 1.44 38.15 -6.28
N LEU B 387 2.12 37.11 -5.79
CA LEU B 387 1.41 35.81 -5.50
C LEU B 387 0.90 35.76 -4.08
N VAL B 388 1.64 36.33 -3.14
CA VAL B 388 1.24 36.17 -1.72
C VAL B 388 -0.09 36.86 -1.46
N LYS B 389 -0.94 36.32 -0.58
CA LYS B 389 -2.28 36.81 -0.39
C LYS B 389 -3.22 36.73 -1.58
N ASN B 390 -2.75 36.22 -2.72
CA ASN B 390 -3.53 36.24 -3.93
C ASN B 390 -3.86 34.79 -4.36
N VAL B 391 -2.79 34.00 -4.54
CA VAL B 391 -2.96 32.55 -4.90
C VAL B 391 -3.65 31.85 -3.75
N ILE B 392 -4.72 31.12 -4.06
CA ILE B 392 -5.38 30.23 -3.14
C ILE B 392 -5.33 28.81 -3.74
N ALA B 393 -5.03 27.80 -2.90
CA ALA B 393 -4.78 26.47 -3.57
C ALA B 393 -4.80 25.41 -2.54
N LYS B 394 -5.39 24.26 -2.93
CA LYS B 394 -5.32 23.03 -2.16
C LYS B 394 -4.06 22.31 -2.54
N THR B 395 -3.29 21.89 -1.52
CA THR B 395 -2.03 21.19 -1.83
C THR B 395 -2.34 19.68 -1.92
N GLY B 396 -1.45 18.98 -2.63
CA GLY B 396 -1.51 17.53 -2.52
C GLY B 396 -0.04 17.16 -2.43
N SER B 397 0.33 16.58 -1.30
CA SER B 397 1.73 16.17 -1.05
C SER B 397 1.77 14.70 -0.55
N LEU B 398 2.51 13.83 -1.25
CA LEU B 398 2.71 12.36 -0.86
C LEU B 398 4.13 12.14 -1.20
N LYS B 399 4.70 10.99 -0.80
CA LYS B 399 6.04 10.75 -1.29
C LYS B 399 6.16 10.93 -2.83
N GLY B 400 7.02 11.83 -3.24
CA GLY B 400 7.35 12.15 -4.66
C GLY B 400 6.31 13.03 -5.40
N VAL B 401 5.35 13.61 -4.66
CA VAL B 401 4.16 14.22 -5.35
C VAL B 401 4.06 15.68 -4.79
N TYR B 402 4.04 16.70 -5.64
CA TYR B 402 3.93 18.12 -5.15
C TYR B 402 2.85 18.84 -6.01
N ASN B 403 1.58 18.83 -5.57
CA ASN B 403 0.50 19.27 -6.45
C ASN B 403 -0.09 20.56 -5.83
N LEU B 404 -0.66 21.38 -6.70
CA LEU B 404 -1.51 22.51 -6.22
C LEU B 404 -2.75 22.60 -7.12
N ALA B 405 -3.92 22.93 -6.55
CA ALA B 405 -5.12 23.13 -7.43
C ALA B 405 -5.83 24.31 -6.83
N GLY B 406 -6.13 25.33 -7.66
CA GLY B 406 -6.73 26.55 -6.98
C GLY B 406 -6.89 27.65 -8.03
N PHE B 407 -6.88 28.89 -7.48
CA PHE B 407 -7.26 30.05 -8.27
C PHE B 407 -6.31 31.17 -7.93
N MET B 408 -6.25 32.15 -8.83
CA MET B 408 -5.48 33.36 -8.51
C MET B 408 -6.15 34.49 -9.33
N THR B 409 -5.82 35.73 -8.91
CA THR B 409 -6.24 36.92 -9.73
C THR B 409 -5.01 37.35 -10.54
N ASN B 410 -5.20 37.65 -11.83
CA ASN B 410 -4.09 38.08 -12.64
C ASN B 410 -3.96 39.62 -12.63
N ALA B 411 -3.01 40.09 -13.43
CA ALA B 411 -2.58 41.52 -13.28
C ALA B 411 -3.78 42.38 -13.74
N ARG B 412 -4.77 41.81 -14.44
CA ARG B 412 -5.95 42.57 -14.97
C ARG B 412 -7.17 42.41 -14.11
N GLY B 413 -7.00 41.75 -12.94
CA GLY B 413 -8.17 41.51 -12.10
C GLY B 413 -9.09 40.37 -12.56
N GLU B 414 -8.61 39.47 -13.44
CA GLU B 414 -9.42 38.36 -13.92
C GLU B 414 -9.03 37.11 -13.10
N LYS B 415 -9.96 36.20 -13.00
CA LYS B 415 -9.66 35.00 -12.18
C LYS B 415 -9.09 33.89 -13.12
N VAL B 416 -8.02 33.27 -12.61
CA VAL B 416 -7.41 32.10 -13.32
C VAL B 416 -7.57 30.89 -12.43
N ALA B 417 -8.13 29.83 -13.00
CA ALA B 417 -8.16 28.52 -12.24
C ALA B 417 -6.99 27.69 -12.79
N PHE B 418 -6.36 26.89 -11.90
CA PHE B 418 -5.07 26.19 -12.36
C PHE B 418 -4.98 24.87 -11.61
N VAL B 419 -4.38 23.92 -12.31
CA VAL B 419 -4.06 22.59 -11.69
C VAL B 419 -2.63 22.32 -12.03
N GLN B 420 -1.83 22.03 -10.98
CA GLN B 420 -0.39 21.64 -11.13
C GLN B 420 -0.18 20.29 -10.47
N PHE B 421 0.12 19.25 -11.31
CA PHE B 421 0.44 17.95 -10.67
C PHE B 421 1.90 17.69 -11.05
N ILE B 422 2.73 17.36 -10.02
CA ILE B 422 4.12 17.00 -10.27
C ILE B 422 4.28 15.65 -9.53
N ASN B 423 4.71 14.61 -10.29
CA ASN B 423 4.87 13.28 -9.69
C ASN B 423 6.31 12.82 -10.04
N GLY B 424 6.74 11.73 -9.38
CA GLY B 424 8.10 11.24 -9.68
C GLY B 424 9.21 12.20 -9.25
N TYR B 425 9.00 13.02 -8.19
CA TYR B 425 9.98 13.98 -7.78
C TYR B 425 10.88 13.33 -6.68
N SER B 426 12.12 13.15 -7.08
CA SER B 426 13.07 12.41 -6.24
C SER B 426 14.40 13.10 -6.37
N THR B 427 14.97 13.58 -5.24
CA THR B 427 16.27 14.23 -5.32
C THR B 427 17.25 13.47 -4.41
N GLY B 428 16.78 12.43 -3.71
CA GLY B 428 17.63 11.61 -2.78
C GLY B 428 17.06 10.18 -2.58
N ASP B 429 17.29 9.58 -1.38
CA ASP B 429 16.94 8.15 -1.10
C ASP B 429 15.42 7.90 -0.85
N LEU B 430 15.03 6.65 -0.61
CA LEU B 430 13.83 6.41 0.25
C LEU B 430 14.26 6.90 1.66
N GLU B 431 13.39 7.66 2.35
CA GLU B 431 13.65 8.13 3.74
C GLU B 431 14.80 9.19 3.88
N SER B 432 15.27 9.74 2.74
CA SER B 432 15.97 11.05 2.67
C SER B 432 14.96 12.25 2.72
N LYS B 433 15.40 13.42 3.19
CA LYS B 433 14.59 14.64 3.04
C LYS B 433 14.76 15.29 1.65
N THR B 434 13.65 15.64 0.99
CA THR B 434 13.69 16.09 -0.42
C THR B 434 13.99 17.58 -0.52
N LYS B 435 14.98 17.89 -1.35
CA LYS B 435 15.34 19.24 -1.70
C LYS B 435 14.14 19.88 -2.36
N ARG B 436 13.60 20.92 -1.71
CA ARG B 436 12.44 21.63 -2.23
C ARG B 436 12.83 22.80 -3.14
N ALA B 437 14.12 23.13 -3.26
CA ALA B 437 14.53 24.31 -3.99
C ALA B 437 14.07 24.28 -5.46
N PRO B 438 14.18 23.10 -6.16
CA PRO B 438 13.65 23.17 -7.54
C PRO B 438 12.14 23.44 -7.61
N LEU B 439 11.38 22.91 -6.67
CA LEU B 439 9.95 23.10 -6.64
C LEU B 439 9.67 24.60 -6.39
N VAL B 440 10.41 25.21 -5.46
CA VAL B 440 10.14 26.68 -5.18
C VAL B 440 10.39 27.51 -6.43
N GLN B 441 11.47 27.22 -7.17
CA GLN B 441 11.78 27.96 -8.41
C GLN B 441 10.70 27.75 -9.46
N PHE B 442 10.30 26.50 -9.66
CA PHE B 442 9.26 26.20 -10.61
C PHE B 442 7.98 26.96 -10.30
N GLU B 443 7.51 26.84 -9.06
CA GLU B 443 6.20 27.43 -8.74
C GLU B 443 6.30 28.97 -8.79
N ARG B 444 7.40 29.50 -8.26
CA ARG B 444 7.51 30.99 -8.35
C ARG B 444 7.38 31.48 -9.80
N ASN B 445 8.10 30.81 -10.73
CA ASN B 445 8.03 31.17 -12.09
C ASN B 445 6.70 30.85 -12.74
N LEU B 446 6.14 29.65 -12.54
CA LEU B 446 4.85 29.38 -13.15
C LEU B 446 3.73 30.40 -12.71
N TYR B 447 3.62 30.66 -11.42
CA TYR B 447 2.48 31.48 -11.00
C TYR B 447 2.76 32.96 -11.35
N ASN B 448 4.02 33.35 -11.37
CA ASN B 448 4.31 34.67 -12.00
C ASN B 448 3.97 34.75 -13.47
N GLU B 449 4.22 33.67 -14.24
CA GLU B 449 3.81 33.70 -15.64
C GLU B 449 2.29 33.78 -15.80
N LEU B 450 1.57 33.04 -14.98
CA LEU B 450 0.09 33.05 -15.04
C LEU B 450 -0.39 34.48 -14.67
N TYR B 451 0.26 35.09 -13.70
CA TYR B 451 -0.19 36.45 -13.24
C TYR B 451 -0.06 37.45 -14.38
N LYS B 452 1.00 37.32 -15.17
CA LYS B 452 1.28 38.38 -16.16
C LYS B 452 0.78 38.10 -17.56
N TYR B 453 0.39 36.84 -17.84
CA TYR B 453 0.00 36.43 -19.16
C TYR B 453 -1.19 37.21 -19.66
#